data_3KO5
#
_entry.id   3KO5
#
_cell.length_a   51.914
_cell.length_b   53.166
_cell.length_c   91.435
_cell.angle_alpha   106.190
_cell.angle_beta   101.460
_cell.angle_gamma   91.090
#
_symmetry.space_group_name_H-M   'P 1'
#
loop_
_entity.id
_entity.type
_entity.pdbx_description
1 polymer 'D-tyrosyl-tRNA(Tyr) deacylase'
2 non-polymer "ADENOSINE-5'-DIPHOSPHATE"
3 water water
#
_entity_poly.entity_id   1
_entity_poly.type   'polypeptide(L)'
_entity_poly.pdbx_seq_one_letter_code
;MRVVIQRVKGAILSVRKENIGENEKELEIISEIKNGLICFLGIHKNDTWEDALYIIRKCLNLRLWNNDNKTWDKNVKDLN
YELLIVSQFTLFGNTKKGNKPDFHLAKEPNEALIFYNKIIDEFKKQYNDDKIKIGKFGNYMNIDVTNDGPVTIYIDTHDI
NLNK
;
_entity_poly.pdbx_strand_id   A,B,C,D,E,F
#
# COMPACT_ATOMS: atom_id res chain seq x y z
N MET A 1 -8.14 0.99 14.42
CA MET A 1 -7.06 1.73 13.70
C MET A 1 -6.72 1.03 12.40
N ARG A 2 -6.46 1.82 11.37
CA ARG A 2 -6.03 1.31 10.08
C ARG A 2 -4.61 1.79 9.79
N VAL A 3 -3.78 0.90 9.27
CA VAL A 3 -2.43 1.29 8.84
C VAL A 3 -2.10 0.70 7.47
N VAL A 4 -1.54 1.54 6.61
CA VAL A 4 -0.89 1.06 5.39
C VAL A 4 0.62 1.19 5.57
N ILE A 5 1.29 0.04 5.50
CA ILE A 5 2.73 -0.04 5.71
C ILE A 5 3.41 -0.30 4.37
N GLN A 6 4.29 0.62 3.97
CA GLN A 6 5.09 0.44 2.77
C GLN A 6 6.58 0.33 3.10
N ARG A 7 7.24 -0.64 2.47
CA ARG A 7 8.67 -0.87 2.63
C ARG A 7 9.41 0.06 1.68
N VAL A 8 10.33 0.85 2.24
CA VAL A 8 10.96 1.93 1.49
C VAL A 8 12.48 1.84 1.49
N LYS A 9 13.10 2.36 0.43
CA LYS A 9 14.55 2.56 0.39
C LYS A 9 14.86 3.93 0.99
N GLY A 10 13.83 4.77 1.05
CA GLY A 10 13.96 6.12 1.56
C GLY A 10 12.65 6.86 1.44
N ALA A 11 12.49 7.89 2.28
CA ALA A 11 11.34 8.78 2.20
C ALA A 11 11.75 10.18 2.64
N ILE A 12 11.39 11.16 1.82
CA ILE A 12 11.69 12.56 2.09
C ILE A 12 10.37 13.33 2.22
N LEU A 13 10.16 13.92 3.40
CA LEU A 13 8.91 14.58 3.74
C LEU A 13 9.07 16.08 3.74
N SER A 14 8.26 16.77 2.94
CA SER A 14 8.32 18.21 2.82
C SER A 14 6.98 18.88 3.12
N VAL A 15 7.06 20.13 3.53
CA VAL A 15 5.89 20.99 3.71
C VAL A 15 6.07 22.27 2.90
N ARG A 16 4.99 23.04 2.75
CA ARG A 16 5.07 24.32 2.07
C ARG A 16 5.67 25.40 2.98
N LYS A 17 6.76 26.01 2.51
CA LYS A 17 7.49 27.02 3.28
C LYS A 17 6.88 28.41 3.10
N GLU A 26 9.79 26.75 -2.67
CA GLU A 26 8.41 26.31 -2.74
C GLU A 26 8.06 25.33 -1.62
N LEU A 27 8.90 24.30 -1.47
CA LEU A 27 8.76 23.30 -0.40
C LEU A 27 10.01 23.20 0.45
N GLU A 28 9.84 22.99 1.75
CA GLU A 28 10.98 22.69 2.62
C GLU A 28 10.85 21.32 3.29
N ILE A 29 11.97 20.59 3.32
CA ILE A 29 12.04 19.26 3.91
C ILE A 29 12.12 19.36 5.42
N ILE A 30 11.22 18.67 6.11
CA ILE A 30 11.28 18.64 7.57
C ILE A 30 11.69 17.26 8.11
N SER A 31 11.35 16.20 7.38
CA SER A 31 11.66 14.83 7.80
C SER A 31 12.28 13.99 6.70
N GLU A 32 13.09 13.01 7.09
CA GLU A 32 13.69 12.08 6.15
C GLU A 32 14.13 10.77 6.79
N ILE A 33 13.87 9.67 6.10
CA ILE A 33 14.39 8.36 6.50
C ILE A 33 15.08 7.70 5.32
N LYS A 34 15.94 6.72 5.60
CA LYS A 34 16.49 5.86 4.56
C LYS A 34 15.63 4.59 4.51
N ASN A 35 16.29 3.43 4.55
CA ASN A 35 15.58 2.15 4.57
C ASN A 35 14.72 2.01 5.81
N GLY A 36 13.54 1.42 5.62
CA GLY A 36 12.60 1.24 6.70
C GLY A 36 11.16 1.26 6.19
N LEU A 37 10.29 1.89 6.96
CA LEU A 37 8.87 1.85 6.67
C LEU A 37 8.27 3.24 6.71
N ILE A 38 7.39 3.50 5.75
CA ILE A 38 6.45 4.60 5.90
C ILE A 38 5.13 3.97 6.31
N CYS A 39 4.57 4.45 7.41
CA CYS A 39 3.32 3.92 7.92
C CYS A 39 2.27 5.01 7.86
N PHE A 40 1.26 4.80 7.04
CA PHE A 40 0.12 5.70 6.94
C PHE A 40 -0.94 5.24 7.93
N LEU A 41 -1.18 6.05 8.95
CA LEU A 41 -1.95 5.63 10.12
C LEU A 41 -3.30 6.32 10.19
N GLY A 42 -4.37 5.55 10.06
CA GLY A 42 -5.74 6.06 10.22
C GLY A 42 -6.25 5.77 11.63
N ILE A 43 -6.72 6.80 12.31
CA ILE A 43 -7.27 6.69 13.67
C ILE A 43 -8.80 6.74 13.68
N HIS A 44 -9.42 5.63 14.07
CA HIS A 44 -10.87 5.48 14.15
C HIS A 44 -11.41 6.27 15.35
N LYS A 45 -12.65 6.75 15.23
CA LYS A 45 -13.33 7.49 16.31
C LYS A 45 -13.41 6.71 17.62
N ASN A 46 -13.49 5.39 17.51
CA ASN A 46 -13.64 4.51 18.68
C ASN A 46 -12.34 3.82 19.12
N ASP A 47 -11.22 4.22 18.53
CA ASP A 47 -9.93 3.60 18.86
C ASP A 47 -9.60 3.73 20.33
N THR A 48 -9.10 2.63 20.89
CA THR A 48 -8.61 2.58 22.26
C THR A 48 -7.10 2.39 22.23
N TRP A 49 -6.46 2.46 23.39
CA TRP A 49 -5.00 2.31 23.48
C TRP A 49 -4.53 0.92 23.05
N GLU A 50 -5.42 -0.07 23.17
CA GLU A 50 -5.12 -1.43 22.73
C GLU A 50 -5.05 -1.54 21.21
N ASP A 51 -5.85 -0.72 20.52
CA ASP A 51 -5.80 -0.61 19.06
C ASP A 51 -4.46 -0.03 18.62
N ALA A 52 -4.04 1.03 19.31
CA ALA A 52 -2.73 1.65 19.09
C ALA A 52 -1.59 0.67 19.33
N LEU A 53 -1.60 0.01 20.50
CA LEU A 53 -0.61 -1.01 20.85
C LEU A 53 -0.41 -2.10 19.80
N TYR A 54 -1.50 -2.53 19.18
CA TYR A 54 -1.45 -3.58 18.15
C TYR A 54 -0.70 -3.12 16.88
N ILE A 55 -1.07 -1.94 16.39
CA ILE A 55 -0.44 -1.33 15.22
C ILE A 55 1.06 -1.13 15.43
N ILE A 56 1.42 -0.56 16.58
CA ILE A 56 2.82 -0.31 16.94
C ILE A 56 3.63 -1.60 16.90
N ARG A 57 3.11 -2.62 17.59
CA ARG A 57 3.75 -3.93 17.68
CA ARG A 57 3.75 -3.94 17.68
C ARG A 57 3.94 -4.56 16.30
N LYS A 58 2.90 -4.48 15.47
CA LYS A 58 2.96 -5.01 14.11
C LYS A 58 3.94 -4.26 13.21
N CYS A 59 3.90 -2.92 13.23
CA CYS A 59 4.84 -2.10 12.47
C CYS A 59 6.31 -2.39 12.84
N LEU A 60 6.57 -2.60 14.12
CA LEU A 60 7.94 -2.80 14.60
C LEU A 60 8.47 -4.22 14.43
N ASN A 61 7.56 -5.19 14.40
CA ASN A 61 7.95 -6.60 14.46
C ASN A 61 7.68 -7.42 13.20
N LEU A 62 6.79 -6.93 12.33
CA LEU A 62 6.55 -7.59 11.05
C LEU A 62 7.84 -7.78 10.28
N ARG A 63 8.05 -9.02 9.84
CA ARG A 63 9.27 -9.45 9.17
C ARG A 63 9.13 -9.29 7.67
N LEU A 64 9.56 -8.12 7.18
CA LEU A 64 9.29 -7.69 5.82
C LEU A 64 10.51 -7.63 4.91
N TRP A 65 11.69 -7.82 5.48
CA TRP A 65 12.92 -7.86 4.69
C TRP A 65 13.46 -9.26 4.59
N ASN A 66 14.00 -9.58 3.42
CA ASN A 66 14.75 -10.80 3.21
C ASN A 66 16.09 -10.73 3.93
N ASN A 67 16.63 -11.90 4.24
CA ASN A 67 17.95 -12.05 4.81
C ASN A 67 18.55 -13.23 4.06
N ASP A 68 19.29 -12.93 2.98
CA ASP A 68 19.58 -13.89 1.93
C ASP A 68 19.65 -15.33 2.41
N ASN A 69 18.94 -16.20 1.70
CA ASN A 69 18.58 -17.55 2.14
C ASN A 69 17.11 -17.52 2.57
N LYS A 70 16.76 -16.50 3.35
CA LYS A 70 15.43 -16.40 3.94
C LYS A 70 14.63 -15.21 3.42
N THR A 71 13.37 -15.45 3.10
CA THR A 71 12.43 -14.39 2.75
C THR A 71 11.62 -14.05 3.99
N TRP A 72 11.11 -12.81 4.06
CA TRP A 72 10.23 -12.36 5.15
C TRP A 72 10.77 -12.75 6.53
N ASP A 73 12.00 -12.32 6.82
CA ASP A 73 12.74 -12.81 7.97
C ASP A 73 13.12 -11.73 9.00
N LYS A 74 13.46 -10.53 8.52
CA LYS A 74 13.88 -9.45 9.42
C LYS A 74 12.88 -8.31 9.50
N ASN A 75 12.71 -7.73 10.70
CA ASN A 75 11.89 -6.54 10.88
C ASN A 75 12.71 -5.24 10.90
N VAL A 76 12.05 -4.10 11.10
CA VAL A 76 12.70 -2.77 11.05
C VAL A 76 13.77 -2.62 12.14
N LYS A 77 13.50 -3.19 13.31
CA LYS A 77 14.40 -3.10 14.45
C LYS A 77 15.64 -3.95 14.23
N ASP A 78 15.43 -5.19 13.77
CA ASP A 78 16.51 -6.12 13.46
C ASP A 78 17.61 -5.44 12.64
N LEU A 79 17.20 -4.69 11.61
CA LEU A 79 18.13 -4.11 10.65
C LEU A 79 18.51 -2.65 10.95
N ASN A 80 18.08 -2.16 12.12
CA ASN A 80 18.38 -0.79 12.54
C ASN A 80 17.79 0.27 11.60
N TYR A 81 16.64 -0.07 11.00
CA TYR A 81 15.98 0.78 10.03
C TYR A 81 15.03 1.77 10.70
N GLU A 82 14.45 2.65 9.90
CA GLU A 82 13.65 3.75 10.41
C GLU A 82 12.18 3.62 10.04
N LEU A 83 11.34 4.32 10.80
CA LEU A 83 9.92 4.41 10.48
C LEU A 83 9.51 5.86 10.41
N LEU A 84 8.73 6.18 9.37
CA LEU A 84 8.06 7.47 9.26
C LEU A 84 6.56 7.23 9.44
N ILE A 85 5.98 7.84 10.47
CA ILE A 85 4.58 7.66 10.78
C ILE A 85 3.81 8.91 10.40
N VAL A 86 2.87 8.73 9.47
CA VAL A 86 2.08 9.83 8.92
C VAL A 86 0.61 9.58 9.20
N SER A 87 -0.05 10.56 9.79
CA SER A 87 -1.47 10.48 10.06
C SER A 87 -2.28 10.58 8.77
N GLN A 88 -3.21 9.66 8.58
CA GLN A 88 -4.00 9.59 7.35
C GLN A 88 -5.48 9.31 7.61
N PHE A 89 -6.24 10.37 7.87
CA PHE A 89 -7.67 10.27 8.12
C PHE A 89 -8.43 9.72 6.91
N THR A 90 -7.84 9.87 5.73
CA THR A 90 -8.43 9.40 4.46
C THR A 90 -8.64 7.88 4.40
N LEU A 91 -7.98 7.16 5.30
CA LEU A 91 -8.12 5.71 5.41
C LEU A 91 -9.50 5.30 5.94
N PHE A 92 -10.23 6.27 6.45
CA PHE A 92 -11.64 6.07 6.83
C PHE A 92 -12.59 6.75 5.85
N GLY A 93 -12.05 7.13 4.70
CA GLY A 93 -12.85 7.63 3.59
C GLY A 93 -13.95 6.64 3.27
N ASN A 94 -15.19 7.10 3.46
CA ASN A 94 -16.37 6.34 3.07
C ASN A 94 -16.58 6.49 1.56
N THR A 95 -16.25 5.42 0.83
CA THR A 95 -16.32 5.41 -0.63
C THR A 95 -17.42 4.46 -1.14
N LYS A 96 -18.38 4.15 -0.27
CA LYS A 96 -19.47 3.23 -0.59
C LYS A 96 -20.70 3.92 -1.14
N LYS A 97 -20.99 5.13 -0.65
CA LYS A 97 -22.18 5.87 -1.09
C LYS A 97 -22.07 6.32 -2.55
N GLY A 98 -21.25 7.34 -2.81
CA GLY A 98 -21.07 7.84 -4.15
C GLY A 98 -19.59 7.94 -4.50
N ASN A 99 -19.24 8.99 -5.23
CA ASN A 99 -17.87 9.23 -5.64
C ASN A 99 -17.18 10.33 -4.83
N LYS A 100 -17.98 11.05 -4.04
CA LYS A 100 -17.45 12.00 -3.08
C LYS A 100 -17.30 11.30 -1.75
N PRO A 101 -16.04 11.11 -1.29
CA PRO A 101 -15.83 10.51 0.02
C PRO A 101 -16.15 11.47 1.17
N ASP A 102 -16.61 10.90 2.28
CA ASP A 102 -16.71 11.60 3.56
C ASP A 102 -15.88 10.81 4.56
N PHE A 103 -15.50 11.43 5.67
CA PHE A 103 -14.50 10.86 6.58
C PHE A 103 -14.97 10.91 8.05
N HIS A 104 -16.26 10.64 8.25
CA HIS A 104 -16.89 10.74 9.56
C HIS A 104 -16.48 9.64 10.54
N LEU A 105 -15.91 8.56 10.02
CA LEU A 105 -15.50 7.42 10.84
C LEU A 105 -14.12 7.64 11.45
N ALA A 106 -13.39 8.62 10.92
CA ALA A 106 -12.10 9.02 11.46
C ALA A 106 -12.27 9.82 12.75
N LYS A 107 -11.33 9.65 13.67
CA LYS A 107 -11.31 10.40 14.92
C LYS A 107 -11.18 11.89 14.64
N GLU A 108 -11.99 12.69 15.33
CA GLU A 108 -11.95 14.14 15.23
C GLU A 108 -10.53 14.66 15.49
N PRO A 109 -10.06 15.65 14.69
CA PRO A 109 -8.65 16.08 14.67
C PRO A 109 -7.96 16.38 16.00
N ASN A 110 -8.69 16.90 16.99
CA ASN A 110 -8.09 17.21 18.29
C ASN A 110 -7.72 15.97 19.10
N GLU A 111 -8.68 15.04 19.21
CA GLU A 111 -8.45 13.80 19.94
C GLU A 111 -7.59 12.85 19.11
N ALA A 112 -7.61 13.03 17.79
CA ALA A 112 -6.72 12.28 16.89
C ALA A 112 -5.25 12.65 17.10
N LEU A 113 -4.96 13.95 17.18
CA LEU A 113 -3.59 14.45 17.37
C LEU A 113 -2.97 13.95 18.67
N ILE A 114 -3.73 14.05 19.76
CA ILE A 114 -3.31 13.59 21.09
C ILE A 114 -3.01 12.08 21.06
N PHE A 115 -3.94 11.32 20.50
CA PHE A 115 -3.79 9.88 20.33
C PHE A 115 -2.53 9.57 19.49
N TYR A 116 -2.40 10.24 18.36
CA TYR A 116 -1.23 10.13 17.48
C TYR A 116 0.08 10.40 18.24
N ASN A 117 0.11 11.52 18.97
CA ASN A 117 1.27 11.89 19.77
C ASN A 117 1.67 10.83 20.79
N LYS A 118 0.67 10.21 21.41
CA LYS A 118 0.87 9.10 22.34
C LYS A 118 1.45 7.87 21.64
N ILE A 119 0.97 7.60 20.42
CA ILE A 119 1.49 6.53 19.58
C ILE A 119 2.97 6.72 19.26
N ILE A 120 3.36 7.94 18.86
CA ILE A 120 4.75 8.25 18.54
C ILE A 120 5.66 8.04 19.73
N ASP A 121 5.19 8.45 20.91
CA ASP A 121 5.90 8.24 22.17
C ASP A 121 6.17 6.76 22.42
N GLU A 122 5.14 5.94 22.21
CA GLU A 122 5.22 4.50 22.45
C GLU A 122 6.09 3.78 21.39
N PHE A 123 5.99 4.22 20.13
CA PHE A 123 6.92 3.81 19.08
C PHE A 123 8.37 4.01 19.54
N LYS A 124 8.66 5.22 20.02
CA LYS A 124 9.99 5.54 20.54
C LYS A 124 10.37 4.71 21.76
N LYS A 125 9.38 4.44 22.63
CA LYS A 125 9.60 3.61 23.81
C LYS A 125 9.93 2.16 23.45
N GLN A 126 9.21 1.61 22.48
CA GLN A 126 9.38 0.21 22.09
C GLN A 126 10.58 -0.05 21.19
N TYR A 127 11.03 0.98 20.50
CA TYR A 127 12.17 0.85 19.60
C TYR A 127 13.32 1.74 20.05
N ASN A 128 13.48 2.86 19.36
CA ASN A 128 14.56 3.80 19.62
C ASN A 128 13.99 5.15 19.28
N ASP A 129 14.28 6.16 20.11
CA ASP A 129 13.70 7.47 19.89
C ASP A 129 14.30 8.22 18.69
N ASP A 130 15.45 7.75 18.20
CA ASP A 130 16.08 8.35 17.03
C ASP A 130 15.53 7.79 15.71
N LYS A 131 14.87 6.64 15.78
CA LYS A 131 14.48 5.90 14.58
C LYS A 131 13.05 6.18 14.14
N ILE A 132 12.35 7.03 14.90
CA ILE A 132 10.96 7.34 14.64
C ILE A 132 10.81 8.77 14.12
N LYS A 133 10.60 8.91 12.82
CA LYS A 133 10.34 10.21 12.21
C LYS A 133 8.85 10.43 12.01
N ILE A 134 8.46 11.71 11.91
CA ILE A 134 7.05 12.11 11.85
C ILE A 134 6.85 13.18 10.79
N GLY A 135 5.59 13.47 10.49
CA GLY A 135 5.26 14.57 9.59
C GLY A 135 4.86 15.81 10.36
N LYS A 136 4.04 16.63 9.72
CA LYS A 136 3.40 17.75 10.39
C LYS A 136 1.91 17.49 10.39
N PHE A 137 1.41 17.00 11.52
CA PHE A 137 0.03 16.59 11.69
C PHE A 137 -0.91 17.69 11.20
N GLY A 138 -1.88 17.29 10.38
CA GLY A 138 -2.86 18.22 9.87
C GLY A 138 -2.42 18.96 8.61
N ASN A 139 -1.14 19.31 8.54
CA ASN A 139 -0.58 20.11 7.45
C ASN A 139 -0.43 19.37 6.12
N TYR A 140 -0.47 20.12 5.02
CA TYR A 140 -0.20 19.56 3.70
C TYR A 140 1.25 19.08 3.59
N MET A 141 1.43 17.87 3.07
CA MET A 141 2.75 17.28 2.95
C MET A 141 3.03 16.74 1.56
N ASN A 142 4.26 16.98 1.12
CA ASN A 142 4.79 16.36 -0.07
C ASN A 142 5.76 15.28 0.41
N ILE A 143 5.49 14.03 0.05
CA ILE A 143 6.37 12.92 0.47
C ILE A 143 6.88 12.11 -0.71
N ASP A 144 8.17 12.25 -0.98
CA ASP A 144 8.85 11.43 -1.98
C ASP A 144 9.24 10.10 -1.37
N VAL A 145 8.55 9.04 -1.79
CA VAL A 145 8.77 7.71 -1.25
C VAL A 145 9.46 6.83 -2.29
N THR A 146 10.59 6.23 -1.89
CA THR A 146 11.21 5.22 -2.73
C THR A 146 10.69 3.85 -2.29
N ASN A 147 9.67 3.37 -2.99
CA ASN A 147 9.07 2.05 -2.72
C ASN A 147 10.00 0.91 -3.11
N ASP A 148 10.25 0.03 -2.15
CA ASP A 148 11.17 -1.09 -2.30
C ASP A 148 10.39 -2.39 -2.51
N GLY A 149 10.16 -2.75 -3.77
CA GLY A 149 9.43 -3.99 -4.10
C GLY A 149 8.40 -3.86 -5.21
N PRO A 150 7.30 -3.10 -4.97
CA PRO A 150 6.89 -2.52 -3.68
C PRO A 150 6.37 -3.59 -2.73
N VAL A 151 6.40 -3.30 -1.44
CA VAL A 151 5.79 -4.17 -0.44
C VAL A 151 4.81 -3.32 0.37
N THR A 152 3.53 -3.61 0.22
CA THR A 152 2.47 -2.88 0.88
C THR A 152 1.67 -3.83 1.76
N ILE A 153 1.61 -3.51 3.04
CA ILE A 153 0.88 -4.31 4.04
C ILE A 153 -0.26 -3.47 4.59
N TYR A 154 -1.43 -4.09 4.75
CA TYR A 154 -2.57 -3.41 5.37
C TYR A 154 -3.04 -4.12 6.63
N ILE A 155 -3.28 -3.35 7.68
CA ILE A 155 -3.82 -3.87 8.94
C ILE A 155 -4.97 -2.98 9.44
N ASP A 156 -6.08 -3.62 9.80
CA ASP A 156 -7.20 -2.98 10.49
C ASP A 156 -7.39 -3.72 11.82
N THR A 157 -7.36 -2.99 12.94
CA THR A 157 -7.48 -3.59 14.27
C THR A 157 -8.89 -4.08 14.62
N HIS A 158 -9.90 -3.56 13.92
CA HIS A 158 -11.27 -4.02 14.12
C HIS A 158 -11.53 -5.37 13.45
N ASP A 159 -10.51 -5.93 12.80
CA ASP A 159 -10.52 -7.31 12.32
C ASP A 159 -9.80 -8.20 13.34
N ILE A 160 -9.49 -7.60 14.48
CA ILE A 160 -8.87 -8.28 15.62
C ILE A 160 -9.70 -7.93 16.85
N MET B 1 -11.55 -8.04 -3.88
CA MET B 1 -10.26 -7.39 -4.29
C MET B 1 -9.89 -6.28 -3.32
N ARG B 2 -8.59 -6.05 -3.16
CA ARG B 2 -8.08 -4.98 -2.31
C ARG B 2 -7.29 -3.96 -3.12
N VAL B 3 -7.51 -2.69 -2.86
CA VAL B 3 -6.72 -1.64 -3.48
C VAL B 3 -6.32 -0.55 -2.49
N VAL B 4 -5.05 -0.16 -2.54
CA VAL B 4 -4.57 1.06 -1.91
C VAL B 4 -4.33 2.08 -3.01
N ILE B 5 -4.99 3.23 -2.89
CA ILE B 5 -4.88 4.32 -3.86
C ILE B 5 -4.14 5.49 -3.23
N GLN B 6 -3.09 5.96 -3.90
CA GLN B 6 -2.40 7.17 -3.43
C GLN B 6 -2.42 8.28 -4.47
N ARG B 7 -2.75 9.50 -4.02
CA ARG B 7 -2.75 10.66 -4.89
C ARG B 7 -1.31 11.12 -5.07
N VAL B 8 -0.89 11.26 -6.33
CA VAL B 8 0.49 11.62 -6.64
C VAL B 8 0.63 12.85 -7.52
N LYS B 9 1.79 13.50 -7.40
CA LYS B 9 2.20 14.51 -8.35
C LYS B 9 3.05 13.83 -9.43
N GLY B 10 3.44 12.59 -9.15
CA GLY B 10 4.26 11.81 -10.08
C GLY B 10 4.66 10.46 -9.50
N ALA B 11 4.95 9.52 -10.39
CA ALA B 11 5.49 8.22 -9.98
C ALA B 11 6.42 7.71 -11.05
N ILE B 12 7.55 7.15 -10.63
CA ILE B 12 8.58 6.65 -11.55
C ILE B 12 8.87 5.19 -11.21
N LEU B 13 8.55 4.30 -12.14
CA LEU B 13 8.68 2.86 -11.91
C LEU B 13 9.87 2.25 -12.66
N SER B 14 10.79 1.66 -11.90
CA SER B 14 11.98 1.01 -12.44
C SER B 14 11.98 -0.48 -12.14
N VAL B 15 12.70 -1.24 -12.97
CA VAL B 15 12.95 -2.66 -12.75
C VAL B 15 14.45 -2.93 -12.91
N ARG B 16 14.88 -4.11 -12.52
CA ARG B 16 16.29 -4.49 -12.62
C ARG B 16 16.73 -4.73 -14.06
N LYS B 17 17.96 -4.28 -14.37
CA LYS B 17 18.60 -4.45 -15.69
C LYS B 17 18.24 -3.30 -16.63
N LYS B 25 22.10 2.78 -13.20
CA LYS B 25 22.66 1.82 -14.15
C LYS B 25 22.05 0.42 -13.98
N GLU B 26 21.97 -0.06 -12.75
CA GLU B 26 21.39 -1.37 -12.47
C GLU B 26 19.86 -1.37 -12.54
N LEU B 27 19.26 -0.20 -12.36
CA LEU B 27 17.80 -0.05 -12.51
C LEU B 27 17.44 0.60 -13.84
N GLU B 28 16.29 0.19 -14.38
CA GLU B 28 15.80 0.73 -15.65
C GLU B 28 14.36 1.21 -15.50
N ILE B 29 14.13 2.47 -15.84
CA ILE B 29 12.79 3.05 -15.80
C ILE B 29 11.96 2.49 -16.96
N ILE B 30 10.77 1.98 -16.65
CA ILE B 30 9.88 1.45 -17.68
C ILE B 30 8.55 2.19 -17.82
N SER B 31 8.10 2.80 -16.72
CA SER B 31 6.84 3.54 -16.69
CA SER B 31 6.87 3.58 -16.75
C SER B 31 6.96 4.77 -15.81
N GLU B 32 6.18 5.79 -16.12
CA GLU B 32 6.18 7.01 -15.35
C GLU B 32 4.93 7.82 -15.63
N ILE B 33 4.35 8.36 -14.57
CA ILE B 33 3.20 9.26 -14.67
C ILE B 33 3.52 10.59 -13.97
N LYS B 34 2.72 11.60 -14.29
CA LYS B 34 2.75 12.86 -13.56
C LYS B 34 1.60 12.83 -12.56
N ASN B 35 0.79 13.88 -12.51
CA ASN B 35 -0.38 13.93 -11.63
C ASN B 35 -1.34 12.76 -11.86
N GLY B 36 -1.87 12.20 -10.78
CA GLY B 36 -2.83 11.12 -10.88
C GLY B 36 -2.80 10.19 -9.68
N LEU B 37 -2.99 8.90 -9.96
CA LEU B 37 -3.07 7.90 -8.91
C LEU B 37 -2.10 6.74 -9.12
N ILE B 38 -1.46 6.32 -8.04
CA ILE B 38 -0.88 4.99 -7.97
C ILE B 38 -1.86 4.09 -7.23
N CYS B 39 -2.18 2.96 -7.85
CA CYS B 39 -3.13 2.01 -7.31
C CYS B 39 -2.44 0.67 -7.12
N PHE B 40 -2.25 0.30 -5.86
CA PHE B 40 -1.65 -0.97 -5.48
C PHE B 40 -2.78 -1.95 -5.30
N LEU B 41 -2.86 -2.92 -6.22
CA LEU B 41 -4.02 -3.80 -6.34
C LEU B 41 -3.71 -5.21 -5.88
N GLY B 42 -4.53 -5.71 -4.95
CA GLY B 42 -4.43 -7.07 -4.45
C GLY B 42 -5.58 -7.89 -4.99
N ILE B 43 -5.25 -9.03 -5.60
CA ILE B 43 -6.28 -9.92 -6.14
C ILE B 43 -6.45 -11.14 -5.23
N HIS B 44 -7.66 -11.29 -4.70
CA HIS B 44 -8.04 -12.41 -3.85
C HIS B 44 -8.33 -13.67 -4.67
N LYS B 45 -8.05 -14.83 -4.06
CA LYS B 45 -8.40 -16.16 -4.58
C LYS B 45 -9.75 -16.24 -5.30
N ASN B 46 -10.80 -15.73 -4.65
CA ASN B 46 -12.17 -15.89 -5.15
C ASN B 46 -12.75 -14.61 -5.76
N ASP B 47 -11.87 -13.70 -6.20
CA ASP B 47 -12.29 -12.46 -6.85
C ASP B 47 -13.04 -12.75 -8.13
N THR B 48 -14.11 -12.00 -8.35
CA THR B 48 -14.91 -12.11 -9.57
C THR B 48 -14.75 -10.84 -10.38
N TRP B 49 -15.21 -10.88 -11.63
CA TRP B 49 -15.17 -9.70 -12.48
C TRP B 49 -15.92 -8.52 -11.89
N GLU B 50 -16.94 -8.82 -11.07
CA GLU B 50 -17.69 -7.77 -10.38
C GLU B 50 -16.86 -7.02 -9.32
N ASP B 51 -15.95 -7.74 -8.66
CA ASP B 51 -15.01 -7.13 -7.73
C ASP B 51 -14.06 -6.21 -8.48
N ALA B 52 -13.54 -6.71 -9.59
CA ALA B 52 -12.63 -5.96 -10.46
C ALA B 52 -13.31 -4.69 -11.00
N LEU B 53 -14.57 -4.83 -11.43
CA LEU B 53 -15.36 -3.71 -11.95
C LEU B 53 -15.55 -2.61 -10.92
N TYR B 54 -15.80 -3.00 -9.67
CA TYR B 54 -15.96 -2.06 -8.56
C TYR B 54 -14.69 -1.24 -8.34
N ILE B 55 -13.55 -1.93 -8.35
CA ILE B 55 -12.23 -1.29 -8.17
C ILE B 55 -11.97 -0.23 -9.25
N ILE B 56 -12.18 -0.60 -10.50
CA ILE B 56 -11.96 0.29 -11.65
C ILE B 56 -12.86 1.52 -11.59
N ARG B 57 -14.15 1.29 -11.32
CA ARG B 57 -15.14 2.34 -11.18
CA ARG B 57 -15.13 2.36 -11.19
C ARG B 57 -14.72 3.37 -10.13
N LYS B 58 -14.25 2.89 -8.98
CA LYS B 58 -13.84 3.75 -7.87
C LYS B 58 -12.54 4.49 -8.14
N CYS B 59 -11.55 3.79 -8.70
CA CYS B 59 -10.28 4.44 -9.04
C CYS B 59 -10.48 5.57 -10.05
N LEU B 60 -11.36 5.34 -11.02
CA LEU B 60 -11.60 6.30 -12.10
C LEU B 60 -12.56 7.41 -11.70
N ASN B 61 -13.43 7.13 -10.77
CA ASN B 61 -14.50 8.06 -10.42
C ASN B 61 -14.44 8.70 -9.04
N LEU B 62 -13.57 8.22 -8.16
CA LEU B 62 -13.43 8.87 -6.84
C LEU B 62 -12.86 10.28 -6.97
N ARG B 63 -13.59 11.23 -6.39
CA ARG B 63 -13.23 12.64 -6.48
C ARG B 63 -12.22 12.98 -5.38
N LEU B 64 -10.94 12.88 -5.70
CA LEU B 64 -9.87 12.97 -4.72
C LEU B 64 -9.05 14.25 -4.85
N TRP B 65 -9.46 15.14 -5.75
CA TRP B 65 -8.79 16.42 -5.94
C TRP B 65 -9.71 17.60 -5.61
N ASN B 66 -9.12 18.67 -5.10
CA ASN B 66 -9.80 19.95 -4.91
C ASN B 66 -10.10 20.63 -6.25
N ASN B 67 -11.09 21.52 -6.25
CA ASN B 67 -11.37 22.40 -7.39
C ASN B 67 -11.91 23.75 -6.90
N ASP B 68 -11.09 24.79 -7.03
CA ASP B 68 -11.41 26.14 -6.52
C ASP B 68 -11.79 26.14 -5.04
N ASN B 69 -13.02 26.55 -4.75
CA ASN B 69 -13.56 26.60 -3.38
C ASN B 69 -13.98 25.23 -2.83
N LYS B 70 -13.97 24.22 -3.70
CA LYS B 70 -14.55 22.92 -3.39
C LYS B 70 -13.48 21.84 -3.17
N THR B 71 -13.63 21.09 -2.08
CA THR B 71 -12.76 19.94 -1.77
C THR B 71 -13.41 18.65 -2.27
N TRP B 72 -12.60 17.61 -2.47
CA TRP B 72 -13.08 16.29 -2.90
C TRP B 72 -14.11 16.43 -4.01
N ASP B 73 -13.68 17.02 -5.12
CA ASP B 73 -14.59 17.51 -6.15
C ASP B 73 -14.35 16.92 -7.54
N LYS B 74 -13.09 16.62 -7.85
CA LYS B 74 -12.72 16.13 -9.18
C LYS B 74 -11.99 14.80 -9.12
N ASN B 75 -12.37 13.92 -10.05
CA ASN B 75 -11.73 12.61 -10.19
C ASN B 75 -10.61 12.61 -11.22
N VAL B 76 -9.84 11.52 -11.27
CA VAL B 76 -8.67 11.37 -12.16
C VAL B 76 -8.98 11.64 -13.64
N LYS B 77 -10.17 11.25 -14.07
CA LYS B 77 -10.61 11.45 -15.45
C LYS B 77 -10.95 12.91 -15.74
N ASP B 78 -11.63 13.57 -14.79
CA ASP B 78 -12.01 14.98 -14.90
C ASP B 78 -10.84 15.90 -15.22
N LEU B 79 -9.66 15.52 -14.73
CA LEU B 79 -8.49 16.38 -14.80
C LEU B 79 -7.49 15.90 -15.84
N ASN B 80 -7.90 14.89 -16.62
CA ASN B 80 -7.03 14.29 -17.64
C ASN B 80 -5.73 13.76 -17.00
N TYR B 81 -5.87 13.23 -15.79
CA TYR B 81 -4.73 12.70 -15.04
C TYR B 81 -4.50 11.21 -15.35
N GLU B 82 -3.41 10.67 -14.83
CA GLU B 82 -2.97 9.32 -15.16
C GLU B 82 -3.14 8.34 -14.02
N LEU B 83 -3.10 7.05 -14.35
CA LEU B 83 -3.10 5.99 -13.36
C LEU B 83 -1.95 5.02 -13.61
N LEU B 84 -1.22 4.74 -12.53
CA LEU B 84 -0.22 3.68 -12.50
C LEU B 84 -0.80 2.55 -11.65
N ILE B 85 -1.11 1.43 -12.29
CA ILE B 85 -1.72 0.28 -11.62
C ILE B 85 -0.70 -0.83 -11.42
N VAL B 86 -0.47 -1.18 -10.16
CA VAL B 86 0.58 -2.13 -9.77
C VAL B 86 -0.05 -3.30 -9.01
N SER B 87 0.25 -4.52 -9.45
CA SER B 87 -0.20 -5.72 -8.72
C SER B 87 0.58 -5.85 -7.40
N GLN B 88 -0.16 -6.07 -6.32
CA GLN B 88 0.39 -6.15 -4.98
C GLN B 88 -0.25 -7.27 -4.16
N PHE B 89 0.27 -8.49 -4.31
CA PHE B 89 -0.25 -9.65 -3.58
C PHE B 89 -0.08 -9.51 -2.06
N THR B 90 0.89 -8.68 -1.64
CA THR B 90 1.18 -8.49 -0.21
C THR B 90 0.00 -7.91 0.57
N LEU B 91 -0.95 -7.31 -0.15
CA LEU B 91 -2.17 -6.78 0.46
C LEU B 91 -3.06 -7.88 1.05
N PHE B 92 -2.84 -9.13 0.62
CA PHE B 92 -3.51 -10.27 1.22
C PHE B 92 -2.59 -11.03 2.17
N GLY B 93 -1.52 -10.36 2.57
CA GLY B 93 -0.65 -10.83 3.64
C GLY B 93 -1.36 -10.85 4.97
N ASN B 94 -1.64 -12.05 5.47
CA ASN B 94 -2.23 -12.25 6.78
C ASN B 94 -1.15 -12.13 7.84
N THR B 95 -1.37 -11.22 8.78
CA THR B 95 -0.41 -10.92 9.84
C THR B 95 -1.03 -11.09 11.24
N LYS B 96 -2.14 -11.83 11.30
CA LYS B 96 -2.84 -12.10 12.57
CA LYS B 96 -2.83 -12.08 12.57
C LYS B 96 -2.16 -13.20 13.37
N LYS B 97 -1.41 -14.05 12.69
CA LYS B 97 -0.71 -15.17 13.31
C LYS B 97 0.81 -14.98 13.19
N GLY B 98 1.40 -14.35 14.19
CA GLY B 98 2.83 -14.08 14.19
C GLY B 98 3.22 -12.95 13.27
N ASN B 99 4.53 -12.75 13.11
CA ASN B 99 5.07 -11.60 12.40
C ASN B 99 5.66 -11.92 11.02
N LYS B 100 5.50 -13.16 10.59
CA LYS B 100 5.82 -13.58 9.24
C LYS B 100 4.52 -13.62 8.44
N PRO B 101 4.38 -12.74 7.43
CA PRO B 101 3.10 -12.65 6.71
C PRO B 101 2.77 -13.92 5.93
N ASP B 102 1.47 -14.22 5.86
CA ASP B 102 0.97 -15.37 5.14
C ASP B 102 0.10 -14.90 3.97
N PHE B 103 0.45 -15.33 2.77
CA PHE B 103 -0.19 -14.83 1.54
C PHE B 103 -1.10 -15.86 0.84
N HIS B 104 -1.43 -16.95 1.52
CA HIS B 104 -2.24 -18.02 0.94
CA HIS B 104 -2.24 -18.02 0.94
C HIS B 104 -3.56 -17.54 0.34
N LEU B 105 -4.12 -16.47 0.90
CA LEU B 105 -5.39 -15.93 0.40
C LEU B 105 -5.30 -15.09 -0.89
N ALA B 106 -4.08 -14.86 -1.37
CA ALA B 106 -3.88 -14.18 -2.64
C ALA B 106 -3.97 -15.17 -3.79
N LYS B 107 -4.69 -14.79 -4.84
CA LYS B 107 -4.82 -15.58 -6.05
C LYS B 107 -3.43 -15.99 -6.56
N GLU B 108 -3.29 -17.26 -6.92
CA GLU B 108 -2.01 -17.75 -7.39
CA GLU B 108 -2.04 -17.83 -7.44
C GLU B 108 -1.56 -17.03 -8.66
N PRO B 109 -0.23 -16.79 -8.77
CA PRO B 109 0.36 -15.96 -9.84
C PRO B 109 -0.20 -16.04 -11.28
N ASN B 110 -0.31 -17.25 -11.83
CA ASN B 110 -0.73 -17.43 -13.23
C ASN B 110 -2.16 -16.95 -13.47
N GLU B 111 -3.04 -17.31 -12.56
CA GLU B 111 -4.42 -16.84 -12.57
C GLU B 111 -4.50 -15.36 -12.20
N ALA B 112 -3.61 -14.91 -11.33
CA ALA B 112 -3.56 -13.50 -10.95
C ALA B 112 -3.15 -12.60 -12.12
N LEU B 113 -2.20 -13.07 -12.93
CA LEU B 113 -1.68 -12.29 -14.06
C LEU B 113 -2.72 -12.06 -15.16
N ILE B 114 -3.44 -13.12 -15.52
CA ILE B 114 -4.52 -13.00 -16.51
C ILE B 114 -5.65 -12.10 -16.01
N PHE B 115 -5.99 -12.21 -14.72
CA PHE B 115 -6.99 -11.34 -14.11
C PHE B 115 -6.52 -9.88 -14.05
N TYR B 116 -5.26 -9.68 -13.68
CA TYR B 116 -4.65 -8.35 -13.70
C TYR B 116 -4.70 -7.72 -15.09
N ASN B 117 -4.29 -8.46 -16.12
CA ASN B 117 -4.28 -7.95 -17.50
C ASN B 117 -5.67 -7.61 -18.03
N LYS B 118 -6.66 -8.39 -17.63
CA LYS B 118 -8.08 -8.10 -17.90
C LYS B 118 -8.50 -6.78 -17.25
N ILE B 119 -8.06 -6.59 -16.01
CA ILE B 119 -8.34 -5.35 -15.27
C ILE B 119 -7.71 -4.15 -15.97
N ILE B 120 -6.46 -4.30 -16.41
CA ILE B 120 -5.75 -3.22 -17.13
C ILE B 120 -6.48 -2.89 -18.44
N ASP B 121 -6.87 -3.91 -19.19
CA ASP B 121 -7.64 -3.74 -20.42
C ASP B 121 -8.93 -2.96 -20.20
N GLU B 122 -9.65 -3.29 -19.14
CA GLU B 122 -10.90 -2.62 -18.78
C GLU B 122 -10.70 -1.15 -18.33
N PHE B 123 -9.59 -0.89 -17.65
CA PHE B 123 -9.21 0.47 -17.27
C PHE B 123 -9.04 1.35 -18.53
N LYS B 124 -8.32 0.82 -19.52
CA LYS B 124 -8.05 1.52 -20.77
C LYS B 124 -9.33 1.75 -21.56
N LYS B 125 -10.16 0.71 -21.60
CA LYS B 125 -11.49 0.78 -22.23
C LYS B 125 -12.37 1.86 -21.59
N GLN B 126 -12.40 1.90 -20.26
CA GLN B 126 -13.23 2.86 -19.51
C GLN B 126 -12.68 4.29 -19.43
N TYR B 127 -11.38 4.43 -19.65
CA TYR B 127 -10.75 5.74 -19.65
C TYR B 127 -10.06 5.89 -21.00
N ASN B 128 -8.74 5.88 -21.01
CA ASN B 128 -7.95 5.90 -22.23
C ASN B 128 -6.64 5.18 -22.04
N ASP B 129 -6.26 4.43 -23.08
CA ASP B 129 -5.03 3.64 -23.12
C ASP B 129 -3.80 4.43 -22.65
N ASP B 130 -3.61 5.61 -23.21
CA ASP B 130 -2.43 6.45 -22.92
C ASP B 130 -2.40 7.04 -21.52
N LYS B 131 -3.48 6.87 -20.76
CA LYS B 131 -3.55 7.39 -19.40
C LYS B 131 -3.38 6.28 -18.35
N ILE B 132 -3.20 5.04 -18.81
CA ILE B 132 -3.06 3.90 -17.90
C ILE B 132 -1.64 3.32 -17.99
N LYS B 133 -0.91 3.42 -16.90
CA LYS B 133 0.45 2.89 -16.83
C LYS B 133 0.50 1.70 -15.87
N ILE B 134 1.39 0.78 -16.15
CA ILE B 134 1.54 -0.45 -15.38
C ILE B 134 3.01 -0.67 -15.09
N GLY B 135 3.32 -1.68 -14.28
CA GLY B 135 4.70 -2.06 -14.04
C GLY B 135 5.11 -3.32 -14.77
N LYS B 136 5.68 -4.26 -14.02
CA LYS B 136 6.14 -5.53 -14.55
C LYS B 136 5.71 -6.60 -13.56
N PHE B 137 4.61 -7.30 -13.87
CA PHE B 137 4.01 -8.30 -12.98
C PHE B 137 5.04 -9.36 -12.59
N GLY B 138 5.06 -9.69 -11.30
CA GLY B 138 5.92 -10.76 -10.78
C GLY B 138 7.41 -10.42 -10.69
N ASN B 139 7.73 -9.16 -10.97
CA ASN B 139 9.12 -8.68 -10.93
C ASN B 139 9.34 -7.65 -9.84
N TYR B 140 10.56 -7.61 -9.30
CA TYR B 140 10.94 -6.56 -8.37
C TYR B 140 10.81 -5.18 -9.03
N MET B 141 10.26 -4.23 -8.29
CA MET B 141 10.08 -2.87 -8.79
C MET B 141 10.56 -1.83 -7.78
N ASN B 142 11.20 -0.80 -8.31
CA ASN B 142 11.54 0.38 -7.54
C ASN B 142 10.60 1.50 -7.99
N ILE B 143 9.73 1.97 -7.10
CA ILE B 143 8.75 3.01 -7.47
C ILE B 143 8.92 4.30 -6.67
N ASP B 144 9.46 5.32 -7.32
CA ASP B 144 9.58 6.66 -6.75
C ASP B 144 8.24 7.37 -6.85
N VAL B 145 7.56 7.47 -5.71
CA VAL B 145 6.24 8.08 -5.67
C VAL B 145 6.32 9.41 -4.94
N THR B 146 5.83 10.47 -5.60
CA THR B 146 5.66 11.77 -4.98
C THR B 146 4.24 11.88 -4.44
N ASN B 147 4.07 11.52 -3.17
CA ASN B 147 2.75 11.56 -2.53
C ASN B 147 2.25 12.98 -2.35
N ASP B 148 1.00 13.20 -2.75
CA ASP B 148 0.37 14.51 -2.77
C ASP B 148 -0.68 14.66 -1.65
N GLY B 149 -0.25 15.19 -0.51
CA GLY B 149 -1.14 15.37 0.64
C GLY B 149 -0.53 14.93 1.95
N PRO B 150 -0.28 13.62 2.12
CA PRO B 150 -0.67 12.56 1.19
C PRO B 150 -2.16 12.27 1.29
N VAL B 151 -2.70 11.55 0.31
CA VAL B 151 -4.07 11.07 0.36
C VAL B 151 -4.02 9.57 0.04
N THR B 152 -4.34 8.76 1.04
CA THR B 152 -4.33 7.32 0.91
C THR B 152 -5.75 6.78 1.09
N ILE B 153 -6.22 6.05 0.08
CA ILE B 153 -7.55 5.47 0.09
C ILE B 153 -7.41 3.96 0.12
N TYR B 154 -8.19 3.29 0.97
CA TYR B 154 -8.21 1.84 0.98
C TYR B 154 -9.59 1.29 0.68
N ILE B 155 -9.65 0.37 -0.28
CA ILE B 155 -10.90 -0.30 -0.63
C ILE B 155 -10.73 -1.81 -0.64
N ASP B 156 -11.63 -2.49 0.06
CA ASP B 156 -11.75 -3.93 0.01
C ASP B 156 -13.16 -4.25 -0.49
N THR B 157 -13.26 -4.91 -1.64
CA THR B 157 -14.55 -5.20 -2.27
C THR B 157 -15.36 -6.28 -1.55
N HIS B 158 -14.73 -7.00 -0.63
CA HIS B 158 -15.43 -7.98 0.19
C HIS B 158 -16.39 -7.29 1.16
N ASP B 159 -16.03 -6.06 1.55
CA ASP B 159 -16.90 -5.22 2.38
C ASP B 159 -18.17 -4.84 1.61
N ILE B 160 -18.09 -4.91 0.28
CA ILE B 160 -19.23 -4.67 -0.59
C ILE B 160 -19.89 -6.00 -0.95
N ASN B 161 -21.17 -5.92 -1.31
CA ASN B 161 -22.00 -7.10 -1.46
C ASN B 161 -22.11 -7.60 -2.89
N MET C 1 -19.69 29.20 -43.80
CA MET C 1 -19.07 28.39 -42.72
C MET C 1 -20.08 28.04 -41.65
N ARG C 2 -20.04 26.78 -41.22
CA ARG C 2 -20.92 26.30 -40.17
C ARG C 2 -20.15 25.84 -38.96
N VAL C 3 -20.63 26.20 -37.77
CA VAL C 3 -20.00 25.74 -36.54
C VAL C 3 -21.02 25.26 -35.52
N VAL C 4 -20.73 24.10 -34.93
CA VAL C 4 -21.42 23.63 -33.74
C VAL C 4 -20.47 23.82 -32.57
N ILE C 5 -20.87 24.68 -31.63
CA ILE C 5 -20.10 24.98 -30.43
C ILE C 5 -20.74 24.30 -29.24
N GLN C 6 -19.98 23.49 -28.52
CA GLN C 6 -20.49 22.81 -27.33
C GLN C 6 -19.64 23.15 -26.10
N ARG C 7 -20.31 23.56 -25.03
CA ARG C 7 -19.62 23.85 -23.77
C ARG C 7 -19.20 22.53 -23.11
N VAL C 8 -17.92 22.41 -22.76
CA VAL C 8 -17.38 21.19 -22.16
C VAL C 8 -16.72 21.39 -20.80
N LYS C 9 -16.75 20.34 -19.96
CA LYS C 9 -15.88 20.27 -18.80
C LYS C 9 -14.54 19.69 -19.17
N GLY C 10 -14.52 18.94 -20.28
CA GLY C 10 -13.27 18.36 -20.79
C GLY C 10 -13.48 17.55 -22.04
N ALA C 11 -12.36 17.23 -22.70
CA ALA C 11 -12.39 16.43 -23.92
C ALA C 11 -11.03 15.76 -24.14
N ILE C 12 -11.06 14.51 -24.62
CA ILE C 12 -9.86 13.82 -25.08
C ILE C 12 -10.09 13.35 -26.52
N LEU C 13 -9.22 13.83 -27.41
CA LEU C 13 -9.29 13.48 -28.83
C LEU C 13 -8.19 12.48 -29.17
N SER C 14 -8.60 11.34 -29.74
CA SER C 14 -7.69 10.27 -30.09
C SER C 14 -7.81 9.87 -31.56
N VAL C 15 -6.78 9.22 -32.07
CA VAL C 15 -6.87 8.51 -33.34
C VAL C 15 -6.62 7.03 -33.11
N ARG C 16 -6.87 6.20 -34.12
CA ARG C 16 -6.65 4.75 -34.01
C ARG C 16 -5.23 4.38 -34.40
N LYS C 17 -4.61 3.56 -33.57
CA LYS C 17 -3.23 3.13 -33.74
C LYS C 17 -3.19 1.80 -34.50
N GLU C 26 -4.76 0.84 -28.63
CA GLU C 26 -5.31 0.94 -29.98
C GLU C 26 -5.79 2.34 -30.32
N LEU C 27 -6.23 3.09 -29.31
CA LEU C 27 -6.37 4.54 -29.45
C LEU C 27 -5.07 5.21 -29.02
N GLU C 28 -4.73 6.31 -29.67
CA GLU C 28 -3.64 7.16 -29.17
C GLU C 28 -4.06 8.63 -29.11
N ILE C 29 -3.78 9.28 -27.99
CA ILE C 29 -4.22 10.65 -27.75
C ILE C 29 -3.45 11.64 -28.63
N ILE C 30 -4.21 12.50 -29.31
CA ILE C 30 -3.64 13.59 -30.09
C ILE C 30 -3.73 14.86 -29.26
N SER C 31 -4.86 15.03 -28.60
CA SER C 31 -5.27 16.32 -28.09
C SER C 31 -6.14 16.14 -26.86
N GLU C 32 -6.05 17.08 -25.93
CA GLU C 32 -6.89 17.06 -24.73
C GLU C 32 -7.09 18.45 -24.15
N ILE C 33 -8.28 18.69 -23.62
CA ILE C 33 -8.59 19.94 -22.92
C ILE C 33 -9.43 19.69 -21.68
N LYS C 34 -9.40 20.64 -20.73
CA LYS C 34 -10.36 20.65 -19.63
CA LYS C 34 -10.36 20.65 -19.63
C LYS C 34 -11.53 21.55 -20.01
N ASN C 35 -11.96 22.43 -19.11
CA ASN C 35 -13.09 23.32 -19.42
C ASN C 35 -12.85 24.16 -20.68
N GLY C 36 -13.91 24.37 -21.45
CA GLY C 36 -13.82 25.19 -22.64
C GLY C 36 -14.88 24.82 -23.65
N LEU C 37 -14.51 24.89 -24.92
CA LEU C 37 -15.44 24.61 -26.01
C LEU C 37 -14.84 23.64 -26.98
N ILE C 38 -15.66 22.70 -27.42
CA ILE C 38 -15.36 21.95 -28.62
C ILE C 38 -16.13 22.65 -29.75
N CYS C 39 -15.42 22.91 -30.85
CA CYS C 39 -16.00 23.61 -31.98
C CYS C 39 -15.90 22.69 -33.19
N PHE C 40 -17.07 22.22 -33.65
CA PHE C 40 -17.17 21.40 -34.85
C PHE C 40 -17.41 22.34 -36.03
N LEU C 41 -16.42 22.42 -36.92
CA LEU C 41 -16.39 23.48 -37.92
C LEU C 41 -16.51 22.96 -39.34
N GLY C 42 -17.59 23.35 -40.01
CA GLY C 42 -17.81 23.03 -41.41
C GLY C 42 -17.36 24.17 -42.31
N ILE C 43 -16.47 23.85 -43.25
CA ILE C 43 -15.95 24.80 -44.22
C ILE C 43 -16.67 24.63 -45.56
N HIS C 44 -17.36 25.68 -45.99
CA HIS C 44 -18.11 25.68 -47.25
C HIS C 44 -17.17 25.90 -48.43
N LYS C 45 -17.50 25.26 -49.54
CA LYS C 45 -16.78 25.39 -50.82
C LYS C 45 -16.43 26.86 -51.18
N ASN C 46 -17.34 27.78 -50.86
CA ASN C 46 -17.19 29.19 -51.21
C ASN C 46 -16.96 30.12 -50.01
N ASP C 47 -16.30 29.60 -48.98
CA ASP C 47 -16.02 30.38 -47.78
C ASP C 47 -14.89 31.39 -48.01
N THR C 48 -15.10 32.61 -47.52
CA THR C 48 -14.09 33.66 -47.57
C THR C 48 -13.39 33.71 -46.22
N TRP C 49 -12.35 34.53 -46.11
CA TRP C 49 -11.68 34.75 -44.83
C TRP C 49 -12.58 35.48 -43.84
N GLU C 50 -13.52 36.26 -44.37
CA GLU C 50 -14.50 36.98 -43.54
C GLU C 50 -15.53 36.02 -42.92
N ASP C 51 -15.70 34.86 -43.54
CA ASP C 51 -16.49 33.76 -42.97
C ASP C 51 -15.73 33.17 -41.78
N ALA C 52 -14.43 32.97 -41.95
CA ALA C 52 -13.56 32.43 -40.90
C ALA C 52 -13.47 33.36 -39.69
N LEU C 53 -13.28 34.64 -39.96
CA LEU C 53 -13.18 35.66 -38.92
C LEU C 53 -14.42 35.74 -38.05
N TYR C 54 -15.60 35.64 -38.67
CA TYR C 54 -16.85 35.64 -37.92
C TYR C 54 -16.92 34.44 -36.97
N ILE C 55 -16.58 33.26 -37.48
CA ILE C 55 -16.53 32.02 -36.67
C ILE C 55 -15.63 32.20 -35.44
N ILE C 56 -14.39 32.64 -35.70
CA ILE C 56 -13.38 32.81 -34.65
C ILE C 56 -13.84 33.79 -33.58
N ARG C 57 -14.36 34.94 -34.02
CA ARG C 57 -14.82 35.99 -33.11
CA ARG C 57 -14.84 35.99 -33.14
C ARG C 57 -15.93 35.47 -32.19
N LYS C 58 -16.83 34.65 -32.74
CA LYS C 58 -17.95 34.13 -31.95
C LYS C 58 -17.50 33.05 -30.97
N CYS C 59 -16.70 32.10 -31.43
CA CYS C 59 -16.20 31.04 -30.55
C CYS C 59 -15.40 31.61 -29.38
N LEU C 60 -14.66 32.69 -29.64
CA LEU C 60 -13.84 33.33 -28.61
C LEU C 60 -14.58 34.30 -27.69
N ASN C 61 -15.65 34.92 -28.19
CA ASN C 61 -16.31 36.00 -27.46
C ASN C 61 -17.72 35.73 -26.96
N LEU C 62 -18.36 34.68 -27.47
CA LEU C 62 -19.69 34.30 -27.01
C LEU C 62 -19.67 33.98 -25.52
N ARG C 63 -20.58 34.61 -24.79
CA ARG C 63 -20.63 34.49 -23.34
C ARG C 63 -21.51 33.31 -22.97
N LEU C 64 -20.87 32.17 -22.76
CA LEU C 64 -21.57 30.88 -22.63
C LEU C 64 -21.52 30.28 -21.21
N TRP C 65 -20.77 30.93 -20.32
CA TRP C 65 -20.73 30.54 -18.91
C TRP C 65 -21.40 31.60 -18.05
N ASN C 66 -21.90 31.16 -16.89
CA ASN C 66 -22.50 32.06 -15.91
C ASN C 66 -21.43 32.76 -15.08
N ASN C 67 -21.83 33.82 -14.38
CA ASN C 67 -20.98 34.47 -13.40
C ASN C 67 -21.64 34.34 -12.04
N ASP C 68 -22.02 33.11 -11.69
CA ASP C 68 -22.90 32.91 -10.56
C ASP C 68 -23.94 34.01 -10.65
N ASN C 69 -25.15 33.73 -10.16
CA ASN C 69 -26.21 34.72 -10.24
C ASN C 69 -26.69 34.88 -11.69
N LYS C 70 -25.99 35.70 -12.47
CA LYS C 70 -26.36 35.94 -13.85
C LYS C 70 -25.82 34.88 -14.80
N THR C 71 -26.69 34.48 -15.72
CA THR C 71 -26.36 33.52 -16.76
C THR C 71 -25.78 34.26 -17.98
N TRP C 72 -25.18 33.50 -18.90
CA TRP C 72 -24.63 34.01 -20.16
C TRP C 72 -23.80 35.29 -19.98
N ASP C 73 -22.78 35.19 -19.13
CA ASP C 73 -22.04 36.35 -18.68
C ASP C 73 -20.53 36.28 -18.97
N LYS C 74 -20.02 35.08 -19.25
CA LYS C 74 -18.58 34.90 -19.47
C LYS C 74 -18.21 34.01 -20.67
N ASN C 75 -17.18 34.42 -21.39
CA ASN C 75 -16.65 33.66 -22.54
C ASN C 75 -15.38 32.86 -22.21
N VAL C 76 -14.89 32.07 -23.17
CA VAL C 76 -13.71 31.20 -22.96
C VAL C 76 -12.48 31.92 -22.43
N LYS C 77 -12.18 33.08 -23.01
CA LYS C 77 -10.99 33.85 -22.70
C LYS C 77 -11.09 34.41 -21.30
N ASP C 78 -12.28 34.92 -20.96
CA ASP C 78 -12.56 35.46 -19.63
C ASP C 78 -12.20 34.47 -18.54
N LEU C 79 -12.49 33.19 -18.78
CA LEU C 79 -12.23 32.14 -17.81
C LEU C 79 -10.87 31.49 -18.01
N ASN C 80 -10.15 31.94 -19.02
CA ASN C 80 -8.87 31.35 -19.41
C ASN C 80 -9.01 29.87 -19.79
N TYR C 81 -10.11 29.57 -20.49
CA TYR C 81 -10.44 28.19 -20.89
C TYR C 81 -9.85 27.84 -22.26
N GLU C 82 -10.06 26.59 -22.66
CA GLU C 82 -9.46 26.02 -23.87
C GLU C 82 -10.46 25.75 -24.98
N LEU C 83 -9.97 25.72 -26.22
CA LEU C 83 -10.80 25.37 -27.36
C LEU C 83 -10.20 24.19 -28.14
N LEU C 84 -11.06 23.23 -28.46
CA LEU C 84 -10.73 22.13 -29.36
C LEU C 84 -11.53 22.32 -30.65
N ILE C 85 -10.80 22.53 -31.74
CA ILE C 85 -11.41 22.83 -33.05
C ILE C 85 -11.24 21.63 -33.98
N VAL C 86 -12.38 21.09 -34.42
CA VAL C 86 -12.42 19.87 -35.22
C VAL C 86 -13.15 20.17 -36.53
N SER C 87 -12.51 19.88 -37.65
CA SER C 87 -13.14 20.05 -38.95
C SER C 87 -14.22 19.00 -39.15
N GLN C 88 -15.40 19.44 -39.58
CA GLN C 88 -16.53 18.56 -39.84
C GLN C 88 -17.21 18.88 -41.17
N PHE C 89 -16.74 18.24 -42.24
CA PHE C 89 -17.36 18.39 -43.57
C PHE C 89 -18.82 17.92 -43.56
N THR C 90 -19.15 17.05 -42.60
CA THR C 90 -20.48 16.44 -42.48
C THR C 90 -21.56 17.47 -42.17
N LEU C 91 -21.16 18.62 -41.65
CA LEU C 91 -22.06 19.72 -41.36
C LEU C 91 -22.71 20.31 -42.61
N PHE C 92 -22.13 20.01 -43.78
CA PHE C 92 -22.74 20.38 -45.06
C PHE C 92 -23.44 19.20 -45.72
N GLY C 93 -23.67 18.15 -44.94
CA GLY C 93 -24.40 16.98 -45.38
C GLY C 93 -25.85 17.30 -45.57
N ASN C 94 -26.25 17.44 -46.84
CA ASN C 94 -27.62 17.76 -47.19
C ASN C 94 -28.47 16.50 -47.17
N THR C 95 -29.59 16.58 -46.46
CA THR C 95 -30.43 15.42 -46.22
C THR C 95 -31.87 15.66 -46.70
N LYS C 96 -32.02 16.64 -47.59
CA LYS C 96 -33.33 17.04 -48.14
C LYS C 96 -33.97 15.96 -49.01
N LYS C 97 -33.13 15.21 -49.73
CA LYS C 97 -33.60 14.24 -50.72
C LYS C 97 -34.14 12.97 -50.06
N GLY C 98 -33.22 12.16 -49.53
CA GLY C 98 -33.59 10.95 -48.82
C GLY C 98 -32.72 10.75 -47.60
N ASN C 99 -32.21 9.53 -47.46
CA ASN C 99 -31.46 9.12 -46.28
C ASN C 99 -29.94 9.19 -46.44
N LYS C 100 -29.47 9.25 -47.68
CA LYS C 100 -28.05 9.39 -47.94
C LYS C 100 -27.68 10.87 -47.95
N PRO C 101 -26.81 11.30 -47.01
CA PRO C 101 -26.41 12.71 -46.94
C PRO C 101 -25.50 13.12 -48.10
N ASP C 102 -25.81 14.28 -48.69
CA ASP C 102 -25.04 14.83 -49.81
C ASP C 102 -24.08 15.92 -49.31
N PHE C 103 -22.77 15.68 -49.45
CA PHE C 103 -21.75 16.56 -48.90
C PHE C 103 -21.06 17.46 -49.95
N HIS C 104 -21.66 17.61 -51.13
CA HIS C 104 -20.97 18.31 -52.24
C HIS C 104 -20.68 19.80 -51.99
N LEU C 105 -21.47 20.44 -51.11
CA LEU C 105 -21.27 21.84 -50.76
C LEU C 105 -20.05 22.10 -49.87
N ALA C 106 -19.53 21.04 -49.24
CA ALA C 106 -18.35 21.14 -48.39
C ALA C 106 -17.09 21.31 -49.23
N LYS C 107 -16.18 22.13 -48.74
CA LYS C 107 -14.89 22.36 -49.39
C LYS C 107 -14.09 21.07 -49.49
N GLU C 108 -13.48 20.87 -50.66
CA GLU C 108 -12.60 19.73 -50.96
C GLU C 108 -11.47 19.61 -49.92
N PRO C 109 -11.20 18.38 -49.42
CA PRO C 109 -10.21 18.10 -48.38
C PRO C 109 -8.88 18.88 -48.48
N ASN C 110 -8.27 18.87 -49.67
CA ASN C 110 -6.98 19.54 -49.88
C ASN C 110 -7.02 21.05 -49.60
N GLU C 111 -8.07 21.72 -50.06
CA GLU C 111 -8.24 23.15 -49.81
C GLU C 111 -8.81 23.44 -48.42
N ALA C 112 -9.65 22.55 -47.91
CA ALA C 112 -10.21 22.69 -46.56
C ALA C 112 -9.12 22.68 -45.49
N LEU C 113 -8.12 21.82 -45.65
CA LEU C 113 -6.99 21.73 -44.72
C LEU C 113 -6.24 23.06 -44.62
N ILE C 114 -5.91 23.64 -45.78
CA ILE C 114 -5.20 24.92 -45.85
C ILE C 114 -6.02 26.01 -45.15
N PHE C 115 -7.31 26.07 -45.49
CA PHE C 115 -8.23 27.03 -44.87
C PHE C 115 -8.34 26.77 -43.36
N TYR C 116 -8.50 25.50 -42.98
CA TYR C 116 -8.55 25.08 -41.58
C TYR C 116 -7.33 25.52 -40.77
N ASN C 117 -6.15 25.30 -41.35
CA ASN C 117 -4.88 25.64 -40.72
C ASN C 117 -4.69 27.14 -40.52
N LYS C 118 -5.15 27.93 -41.48
CA LYS C 118 -5.16 29.39 -41.35
C LYS C 118 -6.06 29.83 -40.21
N ILE C 119 -7.21 29.15 -40.08
CA ILE C 119 -8.16 29.39 -38.99
C ILE C 119 -7.53 29.12 -37.62
N ILE C 120 -6.79 28.02 -37.50
CA ILE C 120 -6.14 27.66 -36.24
C ILE C 120 -5.11 28.71 -35.82
N ASP C 121 -4.30 29.16 -36.77
CA ASP C 121 -3.34 30.24 -36.55
C ASP C 121 -4.01 31.52 -36.07
N GLU C 122 -5.15 31.87 -36.67
CA GLU C 122 -5.87 33.08 -36.27
C GLU C 122 -6.50 32.96 -34.88
N PHE C 123 -6.98 31.77 -34.53
CA PHE C 123 -7.42 31.46 -33.17
C PHE C 123 -6.28 31.72 -32.18
N LYS C 124 -5.11 31.17 -32.49
CA LYS C 124 -3.94 31.31 -31.63
C LYS C 124 -3.54 32.76 -31.46
N LYS C 125 -3.59 33.50 -32.57
CA LYS C 125 -3.28 34.94 -32.62
C LYS C 125 -4.23 35.77 -31.76
N GLN C 126 -5.53 35.55 -31.93
CA GLN C 126 -6.57 36.32 -31.24
C GLN C 126 -6.72 35.94 -29.77
N TYR C 127 -6.13 34.81 -29.37
CA TYR C 127 -6.24 34.37 -27.99
C TYR C 127 -4.87 34.03 -27.42
N ASN C 128 -4.54 32.75 -27.47
CA ASN C 128 -3.39 32.20 -26.77
C ASN C 128 -3.07 30.89 -27.45
N ASP C 129 -1.81 30.76 -27.86
CA ASP C 129 -1.40 29.58 -28.62
CA ASP C 129 -1.30 29.59 -28.58
C ASP C 129 -1.52 28.29 -27.81
N ASP C 130 -1.45 28.40 -26.48
CA ASP C 130 -1.50 27.25 -25.58
CA ASP C 130 -1.50 27.23 -25.61
C ASP C 130 -2.93 26.81 -25.27
N LYS C 131 -3.90 27.64 -25.66
CA LYS C 131 -5.30 27.38 -25.35
C LYS C 131 -6.09 26.78 -26.52
N ILE C 132 -5.42 26.60 -27.66
CA ILE C 132 -6.08 26.12 -28.87
C ILE C 132 -5.55 24.74 -29.26
N LYS C 133 -6.42 23.74 -29.15
CA LYS C 133 -6.11 22.35 -29.49
C LYS C 133 -6.85 21.92 -30.75
N ILE C 134 -6.25 20.96 -31.46
CA ILE C 134 -6.79 20.46 -32.73
C ILE C 134 -6.81 18.94 -32.75
N GLY C 135 -7.44 18.39 -33.78
CA GLY C 135 -7.39 16.96 -34.02
C GLY C 135 -6.39 16.62 -35.09
N LYS C 136 -6.67 15.53 -35.82
CA LYS C 136 -5.87 15.14 -36.95
C LYS C 136 -6.75 15.21 -38.19
N PHE C 137 -6.72 16.37 -38.85
CA PHE C 137 -7.51 16.64 -40.06
C PHE C 137 -7.50 15.44 -41.01
N GLY C 138 -8.68 15.04 -41.46
CA GLY C 138 -8.82 13.98 -42.45
C GLY C 138 -8.73 12.54 -41.96
N ASN C 139 -8.52 12.37 -40.64
CA ASN C 139 -8.38 11.06 -40.02
C ASN C 139 -9.59 10.73 -39.17
N TYR C 140 -9.91 9.44 -39.04
CA TYR C 140 -10.91 9.01 -38.07
C TYR C 140 -10.48 9.45 -36.66
N MET C 141 -11.38 10.12 -35.95
CA MET C 141 -11.11 10.51 -34.57
C MET C 141 -12.11 9.92 -33.59
N ASN C 142 -11.61 9.50 -32.43
CA ASN C 142 -12.43 9.20 -31.25
C ASN C 142 -12.33 10.38 -30.30
N ILE C 143 -13.46 11.02 -30.02
CA ILE C 143 -13.46 12.15 -29.08
C ILE C 143 -14.39 11.91 -27.90
N ASP C 144 -13.78 11.71 -26.73
CA ASP C 144 -14.52 11.66 -25.48
CA ASP C 144 -14.55 11.66 -25.50
C ASP C 144 -14.77 13.09 -25.02
N VAL C 145 -16.05 13.47 -24.94
CA VAL C 145 -16.45 14.83 -24.60
C VAL C 145 -17.31 14.82 -23.33
N THR C 146 -16.99 15.69 -22.38
CA THR C 146 -17.85 15.89 -21.21
C THR C 146 -18.68 17.15 -21.42
N ASN C 147 -19.89 16.97 -21.95
CA ASN C 147 -20.78 18.09 -22.24
C ASN C 147 -21.32 18.73 -20.96
N ASP C 148 -21.28 20.05 -20.92
CA ASP C 148 -21.61 20.83 -19.71
C ASP C 148 -22.91 21.64 -19.92
N GLY C 149 -24.01 21.12 -19.38
CA GLY C 149 -25.32 21.77 -19.51
C GLY C 149 -26.43 20.82 -19.95
N PRO C 150 -26.36 20.32 -21.19
CA PRO C 150 -25.40 20.73 -22.21
C PRO C 150 -25.78 22.09 -22.80
N VAL C 151 -24.81 22.74 -23.44
CA VAL C 151 -25.01 24.03 -24.10
C VAL C 151 -24.48 23.87 -25.51
N THR C 152 -25.36 24.02 -26.49
CA THR C 152 -25.02 23.83 -27.89
C THR C 152 -25.44 25.05 -28.70
N ILE C 153 -24.46 25.65 -29.37
CA ILE C 153 -24.69 26.83 -30.20
C ILE C 153 -24.41 26.48 -31.65
N TYR C 154 -25.27 26.97 -32.54
CA TYR C 154 -25.08 26.80 -33.96
C TYR C 154 -24.96 28.15 -34.67
N ILE C 155 -23.98 28.24 -35.57
CA ILE C 155 -23.80 29.42 -36.41
C ILE C 155 -23.54 28.99 -37.85
N ASP C 156 -24.27 29.61 -38.77
CA ASP C 156 -24.00 29.50 -40.19
C ASP C 156 -23.75 30.92 -40.72
N THR C 157 -22.53 31.16 -41.18
CA THR C 157 -22.10 32.51 -41.60
C THR C 157 -22.83 33.03 -42.84
N HIS C 158 -23.39 32.12 -43.61
CA HIS C 158 -24.15 32.47 -44.81
C HIS C 158 -25.48 33.14 -44.47
N ASP C 159 -25.90 32.99 -43.22
CA ASP C 159 -27.10 33.67 -42.70
C ASP C 159 -26.79 35.05 -42.11
N ILE C 160 -25.53 35.46 -42.18
CA ILE C 160 -25.09 36.76 -41.66
C ILE C 160 -24.53 37.66 -42.77
N ASN C 161 -24.88 38.94 -42.71
CA ASN C 161 -24.27 39.97 -43.56
C ASN C 161 -22.88 40.32 -43.02
N LEU C 162 -21.85 39.92 -43.76
CA LEU C 162 -20.46 40.07 -43.31
C LEU C 162 -19.83 41.41 -43.69
N ASN C 163 -20.59 42.27 -44.36
CA ASN C 163 -20.06 43.55 -44.84
C ASN C 163 -20.09 44.63 -43.76
N MET D 1 -37.93 23.48 -36.38
CA MET D 1 -37.14 22.63 -35.44
C MET D 1 -35.68 22.55 -35.88
N ARG D 2 -34.79 22.46 -34.90
CA ARG D 2 -33.36 22.32 -35.18
C ARG D 2 -32.79 21.12 -34.45
N VAL D 3 -32.07 20.29 -35.18
CA VAL D 3 -31.39 19.15 -34.57
C VAL D 3 -29.91 19.08 -34.94
N VAL D 4 -29.08 18.85 -33.92
CA VAL D 4 -27.68 18.48 -34.11
C VAL D 4 -27.57 17.00 -33.76
N ILE D 5 -27.22 16.21 -34.76
CA ILE D 5 -27.12 14.77 -34.59
C ILE D 5 -25.64 14.38 -34.55
N GLN D 6 -25.26 13.69 -33.48
CA GLN D 6 -23.90 13.16 -33.38
C GLN D 6 -23.87 11.65 -33.27
N ARG D 7 -22.99 11.04 -34.04
CA ARG D 7 -22.83 9.59 -34.04
C ARG D 7 -21.91 9.20 -32.88
N VAL D 8 -22.36 8.25 -32.06
CA VAL D 8 -21.65 7.95 -30.81
C VAL D 8 -21.38 6.47 -30.59
N LYS D 9 -20.32 6.17 -29.85
CA LYS D 9 -20.06 4.82 -29.35
C LYS D 9 -20.77 4.62 -28.04
N GLY D 10 -21.12 5.72 -27.40
CA GLY D 10 -21.80 5.73 -26.10
C GLY D 10 -22.03 7.16 -25.64
N ALA D 11 -23.01 7.33 -24.76
CA ALA D 11 -23.28 8.59 -24.09
C ALA D 11 -23.79 8.29 -22.69
N ILE D 12 -23.18 8.91 -21.70
CA ILE D 12 -23.56 8.69 -20.30
C ILE D 12 -24.06 10.01 -19.72
N LEU D 13 -25.33 10.04 -19.35
CA LEU D 13 -26.00 11.27 -18.93
C LEU D 13 -26.24 11.34 -17.42
N SER D 14 -25.84 12.46 -16.82
CA SER D 14 -25.95 12.66 -15.37
C SER D 14 -26.71 13.93 -15.00
N VAL D 15 -27.40 13.88 -13.86
CA VAL D 15 -28.08 15.04 -13.25
C VAL D 15 -27.70 15.17 -11.77
N ARG D 16 -28.08 16.29 -11.15
CA ARG D 16 -27.75 16.57 -9.76
C ARG D 16 -28.82 16.04 -8.78
N GLU D 26 -25.43 16.37 -5.98
CA GLU D 26 -24.36 15.54 -6.54
C GLU D 26 -24.79 14.81 -7.81
N LEU D 27 -23.92 14.84 -8.82
CA LEU D 27 -24.14 14.19 -10.11
C LEU D 27 -24.31 12.68 -10.04
N GLU D 28 -25.40 12.18 -10.64
CA GLU D 28 -25.72 10.75 -10.70
CA GLU D 28 -25.61 10.75 -10.76
C GLU D 28 -26.32 10.35 -12.06
N ILE D 29 -25.89 9.21 -12.60
CA ILE D 29 -26.32 8.72 -13.91
C ILE D 29 -27.80 8.32 -13.93
N ILE D 30 -28.57 8.94 -14.84
CA ILE D 30 -29.96 8.55 -15.07
C ILE D 30 -30.20 7.93 -16.45
N SER D 31 -29.31 8.25 -17.40
CA SER D 31 -29.42 7.73 -18.75
C SER D 31 -28.08 7.33 -19.33
N GLU D 32 -28.06 6.20 -20.05
CA GLU D 32 -26.95 5.89 -20.94
C GLU D 32 -27.36 5.09 -22.15
N ILE D 33 -26.59 5.26 -23.22
CA ILE D 33 -26.74 4.48 -24.44
C ILE D 33 -25.36 3.97 -24.84
N LYS D 34 -25.35 2.97 -25.70
CA LYS D 34 -24.11 2.50 -26.31
C LYS D 34 -24.03 3.14 -27.68
N ASN D 35 -23.76 2.35 -28.71
CA ASN D 35 -23.67 2.87 -30.06
C ASN D 35 -24.98 3.51 -30.46
N GLY D 36 -24.90 4.58 -31.23
CA GLY D 36 -26.08 5.20 -31.79
C GLY D 36 -25.93 6.68 -32.02
N LEU D 37 -26.95 7.42 -31.63
CA LEU D 37 -27.02 8.85 -31.90
C LEU D 37 -27.40 9.64 -30.65
N ILE D 38 -26.69 10.74 -30.41
CA ILE D 38 -27.19 11.74 -29.46
C ILE D 38 -27.84 12.84 -30.30
N CYS D 39 -29.05 13.26 -29.91
CA CYS D 39 -29.77 14.24 -30.69
C CYS D 39 -30.13 15.46 -29.86
N PHE D 40 -29.44 16.57 -30.13
CA PHE D 40 -29.71 17.83 -29.47
C PHE D 40 -30.81 18.55 -30.24
N LEU D 41 -31.98 18.67 -29.63
CA LEU D 41 -33.17 19.16 -30.31
C LEU D 41 -33.62 20.53 -29.81
N GLY D 42 -33.61 21.51 -30.71
CA GLY D 42 -34.17 22.83 -30.45
C GLY D 42 -35.57 22.93 -31.02
N ILE D 43 -36.53 23.28 -30.16
CA ILE D 43 -37.93 23.45 -30.60
C ILE D 43 -38.32 24.92 -30.71
N HIS D 44 -38.67 25.33 -31.92
CA HIS D 44 -39.08 26.70 -32.21
C HIS D 44 -40.45 27.02 -31.61
N LYS D 45 -40.65 28.30 -31.30
CA LYS D 45 -41.91 28.83 -30.79
C LYS D 45 -43.10 28.53 -31.72
N ASN D 46 -42.84 28.51 -33.02
CA ASN D 46 -43.86 28.26 -34.05
C ASN D 46 -43.78 26.87 -34.69
N ASP D 47 -43.04 25.95 -34.06
CA ASP D 47 -42.93 24.59 -34.56
C ASP D 47 -44.26 23.86 -34.54
N THR D 48 -44.49 23.06 -35.59
CA THR D 48 -45.71 22.26 -35.71
C THR D 48 -45.32 20.79 -35.64
N TRP D 49 -46.32 19.92 -35.56
CA TRP D 49 -46.06 18.47 -35.51
C TRP D 49 -45.33 17.96 -36.74
N GLU D 50 -45.64 18.56 -37.89
CA GLU D 50 -45.00 18.18 -39.16
CA GLU D 50 -45.01 18.21 -39.17
C GLU D 50 -43.50 18.45 -39.13
N ASP D 51 -43.08 19.48 -38.40
CA ASP D 51 -41.67 19.81 -38.22
C ASP D 51 -40.98 18.76 -37.37
N ALA D 52 -41.70 18.28 -36.36
CA ALA D 52 -41.22 17.23 -35.47
C ALA D 52 -41.08 15.90 -36.20
N LEU D 53 -42.10 15.54 -36.98
CA LEU D 53 -42.11 14.29 -37.74
C LEU D 53 -40.96 14.21 -38.74
N TYR D 54 -40.56 15.37 -39.28
CA TYR D 54 -39.41 15.46 -40.15
C TYR D 54 -38.11 15.15 -39.41
N ILE D 55 -37.95 15.73 -38.22
CA ILE D 55 -36.79 15.47 -37.35
C ILE D 55 -36.69 13.98 -37.02
N ILE D 56 -37.78 13.42 -36.51
CA ILE D 56 -37.84 12.01 -36.11
C ILE D 56 -37.48 11.09 -37.28
N ARG D 57 -38.11 11.34 -38.43
CA ARG D 57 -37.87 10.56 -39.65
C ARG D 57 -36.39 10.56 -40.05
N LYS D 58 -35.75 11.72 -39.99
CA LYS D 58 -34.35 11.85 -40.36
C LYS D 58 -33.43 11.18 -39.35
N CYS D 59 -33.67 11.44 -38.06
CA CYS D 59 -32.91 10.80 -36.98
C CYS D 59 -32.94 9.28 -37.06
N LEU D 60 -34.10 8.72 -37.37
CA LEU D 60 -34.28 7.28 -37.43
C LEU D 60 -33.83 6.64 -38.75
N ASN D 61 -33.84 7.42 -39.83
CA ASN D 61 -33.58 6.85 -41.15
C ASN D 61 -32.30 7.28 -41.85
N LEU D 62 -31.66 8.33 -41.35
CA LEU D 62 -30.38 8.78 -41.91
C LEU D 62 -29.34 7.68 -41.87
N ARG D 63 -28.73 7.43 -43.03
CA ARG D 63 -27.78 6.34 -43.17
C ARG D 63 -26.39 6.87 -42.83
N LEU D 64 -25.99 6.66 -41.58
CA LEU D 64 -24.80 7.31 -41.03
C LEU D 64 -23.71 6.31 -40.64
N TRP D 65 -23.96 5.03 -40.84
CA TRP D 65 -22.97 3.99 -40.58
C TRP D 65 -22.59 3.24 -41.84
N ASN D 66 -21.35 2.76 -41.85
CA ASN D 66 -20.84 1.90 -42.91
C ASN D 66 -21.45 0.50 -42.86
N ASN D 67 -21.59 -0.12 -44.02
CA ASN D 67 -21.85 -1.54 -44.10
C ASN D 67 -20.97 -2.19 -45.16
N ASP D 68 -19.70 -2.38 -44.81
CA ASP D 68 -18.72 -3.13 -45.61
C ASP D 68 -18.56 -2.69 -47.06
N ASN D 69 -17.48 -1.96 -47.33
CA ASN D 69 -17.22 -1.34 -48.65
C ASN D 69 -18.19 -0.21 -48.97
N LYS D 70 -19.40 -0.30 -48.41
CA LYS D 70 -20.44 0.71 -48.59
C LYS D 70 -20.45 1.71 -47.43
N THR D 71 -20.19 2.97 -47.76
CA THR D 71 -20.23 4.06 -46.78
C THR D 71 -21.63 4.67 -46.73
N TRP D 72 -21.94 5.35 -45.63
CA TRP D 72 -23.21 6.04 -45.43
C TRP D 72 -24.39 5.16 -45.85
N ASP D 73 -24.43 3.96 -45.30
CA ASP D 73 -25.32 2.91 -45.80
C ASP D 73 -26.43 2.50 -44.83
N LYS D 74 -26.10 2.39 -43.54
CA LYS D 74 -27.08 1.90 -42.57
C LYS D 74 -27.56 2.96 -41.58
N ASN D 75 -28.84 2.86 -41.20
CA ASN D 75 -29.43 3.76 -40.22
C ASN D 75 -29.41 3.17 -38.80
N VAL D 76 -29.77 3.99 -37.82
CA VAL D 76 -29.72 3.60 -36.41
C VAL D 76 -30.54 2.33 -36.09
N LYS D 77 -31.68 2.19 -36.76
CA LYS D 77 -32.59 1.04 -36.56
C LYS D 77 -32.05 -0.25 -37.17
N ASP D 78 -31.37 -0.12 -38.32
CA ASP D 78 -30.72 -1.26 -38.98
C ASP D 78 -29.75 -2.01 -38.05
N LEU D 79 -28.99 -1.26 -37.27
CA LEU D 79 -27.97 -1.85 -36.41
C LEU D 79 -28.48 -2.14 -35.00
N ASN D 80 -29.76 -1.81 -34.80
CA ASN D 80 -30.44 -1.98 -33.51
C ASN D 80 -29.81 -1.10 -32.43
N TYR D 81 -29.35 0.08 -32.85
CA TYR D 81 -28.68 1.04 -31.97
C TYR D 81 -29.66 1.98 -31.29
N GLU D 82 -29.16 2.80 -30.37
CA GLU D 82 -30.00 3.62 -29.51
C GLU D 82 -29.91 5.11 -29.86
N LEU D 83 -30.90 5.86 -29.40
CA LEU D 83 -30.89 7.31 -29.51
C LEU D 83 -31.07 7.97 -28.15
N LEU D 84 -30.28 9.01 -27.88
CA LEU D 84 -30.45 9.83 -26.69
C LEU D 84 -30.91 11.21 -27.13
N ILE D 85 -32.14 11.57 -26.77
CA ILE D 85 -32.76 12.81 -27.21
C ILE D 85 -32.71 13.84 -26.10
N VAL D 86 -32.01 14.95 -26.38
CA VAL D 86 -31.75 15.99 -25.39
C VAL D 86 -32.32 17.30 -25.94
N SER D 87 -33.20 17.93 -25.16
CA SER D 87 -33.75 19.22 -25.54
C SER D 87 -32.69 20.30 -25.37
N GLN D 88 -32.60 21.18 -26.36
CA GLN D 88 -31.55 22.18 -26.39
C GLN D 88 -32.05 23.49 -26.95
N PHE D 89 -32.66 24.31 -26.09
CA PHE D 89 -33.20 25.62 -26.47
C PHE D 89 -32.13 26.55 -27.03
N THR D 90 -30.87 26.30 -26.65
CA THR D 90 -29.74 27.14 -27.05
C THR D 90 -29.42 27.05 -28.54
N LEU D 91 -30.00 26.07 -29.22
CA LEU D 91 -29.91 25.99 -30.68
C LEU D 91 -30.66 27.14 -31.36
N PHE D 92 -31.52 27.80 -30.60
CA PHE D 92 -32.20 29.01 -31.07
C PHE D 92 -31.61 30.27 -30.45
N GLY D 93 -30.40 30.14 -29.90
CA GLY D 93 -29.61 31.26 -29.46
C GLY D 93 -29.11 32.05 -30.66
N ASN D 94 -29.72 33.21 -30.89
CA ASN D 94 -29.33 34.12 -31.95
C ASN D 94 -28.11 34.91 -31.49
N THR D 95 -27.04 34.84 -32.27
CA THR D 95 -25.77 35.45 -31.89
C THR D 95 -25.37 36.60 -32.83
N LYS D 96 -26.32 37.01 -33.67
CA LYS D 96 -26.13 38.10 -34.63
C LYS D 96 -25.79 39.44 -33.99
N LYS D 97 -26.55 39.82 -32.96
CA LYS D 97 -26.45 41.14 -32.37
C LYS D 97 -25.25 41.24 -31.42
N GLY D 98 -25.37 40.62 -30.25
CA GLY D 98 -24.31 40.67 -29.27
C GLY D 98 -23.73 39.33 -28.89
N ASN D 99 -22.82 39.35 -27.93
CA ASN D 99 -22.18 38.14 -27.44
C ASN D 99 -22.96 37.44 -26.31
N LYS D 100 -24.06 38.06 -25.91
CA LYS D 100 -25.04 37.39 -25.06
C LYS D 100 -26.15 36.85 -25.95
N PRO D 101 -26.23 35.51 -26.08
CA PRO D 101 -27.17 34.88 -27.00
C PRO D 101 -28.64 35.22 -26.72
N ASP D 102 -29.40 35.44 -27.80
CA ASP D 102 -30.81 35.77 -27.73
C ASP D 102 -31.64 34.50 -27.99
N PHE D 103 -32.42 34.09 -27.00
CA PHE D 103 -33.17 32.82 -27.05
C PHE D 103 -34.68 32.99 -27.27
N HIS D 104 -35.13 34.16 -27.72
CA HIS D 104 -36.56 34.47 -27.77
C HIS D 104 -37.37 33.64 -28.78
N LEU D 105 -36.73 33.21 -29.86
CA LEU D 105 -37.38 32.34 -30.86
C LEU D 105 -37.67 30.93 -30.35
N ALA D 106 -36.95 30.51 -29.30
CA ALA D 106 -37.17 29.20 -28.70
C ALA D 106 -38.48 29.16 -27.94
N LYS D 107 -39.18 28.03 -28.06
CA LYS D 107 -40.44 27.80 -27.36
C LYS D 107 -40.24 27.84 -25.84
N GLU D 108 -41.24 28.37 -25.14
CA GLU D 108 -41.21 28.48 -23.68
CA GLU D 108 -41.21 28.47 -23.67
C GLU D 108 -41.09 27.10 -23.01
N PRO D 109 -40.34 27.02 -21.88
CA PRO D 109 -40.12 25.74 -21.20
C PRO D 109 -41.37 24.92 -20.85
N ASN D 110 -42.52 25.60 -20.71
CA ASN D 110 -43.77 24.92 -20.38
C ASN D 110 -44.47 24.29 -21.58
N GLU D 111 -44.49 25.01 -22.70
CA GLU D 111 -45.04 24.49 -23.96
C GLU D 111 -44.07 23.51 -24.61
N ALA D 112 -42.77 23.79 -24.50
CA ALA D 112 -41.72 22.95 -25.08
C ALA D 112 -41.63 21.58 -24.42
N LEU D 113 -41.94 21.51 -23.12
CA LEU D 113 -41.99 20.23 -22.40
C LEU D 113 -43.05 19.29 -22.99
N ILE D 114 -44.26 19.79 -23.25
CA ILE D 114 -45.30 18.95 -23.86
C ILE D 114 -44.99 18.59 -25.31
N PHE D 115 -44.49 19.55 -26.08
CA PHE D 115 -44.06 19.29 -27.46
C PHE D 115 -42.94 18.23 -27.48
N TYR D 116 -41.93 18.41 -26.62
CA TYR D 116 -40.81 17.48 -26.50
C TYR D 116 -41.26 16.07 -26.12
N ASN D 117 -42.16 15.97 -25.14
CA ASN D 117 -42.66 14.67 -24.68
C ASN D 117 -43.43 13.93 -25.77
N LYS D 118 -44.22 14.68 -26.54
CA LYS D 118 -44.91 14.13 -27.72
C LYS D 118 -43.91 13.62 -28.76
N ILE D 119 -42.79 14.33 -28.92
CA ILE D 119 -41.72 13.90 -29.83
C ILE D 119 -41.12 12.56 -29.40
N ILE D 120 -40.90 12.40 -28.09
CA ILE D 120 -40.31 11.18 -27.55
C ILE D 120 -41.23 9.97 -27.73
N ASP D 121 -42.53 10.15 -27.48
CA ASP D 121 -43.51 9.09 -27.70
C ASP D 121 -43.52 8.62 -29.14
N GLU D 122 -43.44 9.58 -30.07
CA GLU D 122 -43.40 9.28 -31.50
C GLU D 122 -42.10 8.62 -31.94
N PHE D 123 -40.99 9.00 -31.31
CA PHE D 123 -39.72 8.29 -31.50
C PHE D 123 -39.88 6.79 -31.19
N LYS D 124 -40.48 6.49 -30.05
CA LYS D 124 -40.69 5.11 -29.61
C LYS D 124 -41.69 4.37 -30.48
N LYS D 125 -42.72 5.07 -30.94
CA LYS D 125 -43.74 4.52 -31.83
C LYS D 125 -43.13 4.06 -33.17
N GLN D 126 -42.27 4.90 -33.74
CA GLN D 126 -41.64 4.60 -35.03
C GLN D 126 -40.44 3.66 -34.91
N TYR D 127 -39.89 3.53 -33.71
CA TYR D 127 -38.80 2.61 -33.47
C TYR D 127 -39.17 1.67 -32.33
N ASN D 128 -38.47 1.79 -31.20
CA ASN D 128 -38.67 0.87 -30.10
C ASN D 128 -38.62 1.59 -28.76
N ASP D 129 -39.48 1.15 -27.85
CA ASP D 129 -39.61 1.74 -26.52
C ASP D 129 -38.33 1.65 -25.67
N ASP D 130 -37.49 0.68 -26.00
CA ASP D 130 -36.26 0.43 -25.25
C ASP D 130 -35.03 1.13 -25.85
N LYS D 131 -35.17 1.67 -27.05
CA LYS D 131 -34.00 2.24 -27.75
C LYS D 131 -33.95 3.76 -27.68
N ILE D 132 -34.99 4.36 -27.10
CA ILE D 132 -35.10 5.81 -27.01
C ILE D 132 -34.87 6.25 -25.57
N LYS D 133 -33.79 7.01 -25.37
CA LYS D 133 -33.39 7.49 -24.06
C LYS D 133 -33.47 9.00 -24.01
N ILE D 134 -33.72 9.54 -22.82
CA ILE D 134 -33.90 10.97 -22.62
C ILE D 134 -33.08 11.49 -21.45
N GLY D 135 -32.97 12.81 -21.33
CA GLY D 135 -32.32 13.42 -20.18
C GLY D 135 -33.33 13.82 -19.12
N LYS D 136 -33.14 15.00 -18.57
CA LYS D 136 -34.09 15.59 -17.64
C LYS D 136 -34.39 17.01 -18.14
N PHE D 137 -35.57 17.18 -18.71
CA PHE D 137 -35.97 18.46 -19.31
C PHE D 137 -35.87 19.60 -18.31
N GLY D 138 -35.26 20.70 -18.75
CA GLY D 138 -35.13 21.91 -17.93
C GLY D 138 -33.97 21.86 -16.94
N ASN D 139 -33.46 20.66 -16.69
CA ASN D 139 -32.43 20.46 -15.67
C ASN D 139 -31.00 20.47 -16.20
N TYR D 140 -30.08 20.91 -15.34
CA TYR D 140 -28.66 20.86 -15.66
C TYR D 140 -28.22 19.40 -15.87
N MET D 141 -27.51 19.18 -16.97
CA MET D 141 -27.06 17.84 -17.31
C MET D 141 -25.58 17.80 -17.63
N ASN D 142 -24.97 16.68 -17.26
CA ASN D 142 -23.61 16.36 -17.62
C ASN D 142 -23.68 15.13 -18.53
N ILE D 143 -23.17 15.25 -19.74
CA ILE D 143 -23.20 14.13 -20.69
C ILE D 143 -21.81 13.74 -21.19
N ASP D 144 -21.34 12.57 -20.75
CA ASP D 144 -20.10 11.99 -21.24
CA ASP D 144 -20.10 11.99 -21.24
C ASP D 144 -20.38 11.30 -22.57
N VAL D 145 -19.92 11.92 -23.65
CA VAL D 145 -20.19 11.46 -25.01
C VAL D 145 -18.92 10.92 -25.66
N THR D 146 -19.00 9.73 -26.25
CA THR D 146 -17.89 9.18 -27.03
C THR D 146 -18.21 9.32 -28.52
N ASN D 147 -17.75 10.44 -29.10
CA ASN D 147 -17.95 10.72 -30.52
C ASN D 147 -17.23 9.75 -31.47
N ASP D 148 -17.99 9.26 -32.44
CA ASP D 148 -17.55 8.22 -33.37
C ASP D 148 -17.32 8.84 -34.75
N GLY D 149 -16.11 9.36 -34.98
CA GLY D 149 -15.77 9.98 -36.26
C GLY D 149 -14.89 11.21 -36.19
N PRO D 150 -15.43 12.34 -35.68
CA PRO D 150 -16.82 12.47 -35.27
C PRO D 150 -17.72 12.65 -36.49
N VAL D 151 -19.03 12.46 -36.29
CA VAL D 151 -20.00 12.68 -37.34
C VAL D 151 -21.12 13.57 -36.81
N THR D 152 -21.24 14.75 -37.41
CA THR D 152 -22.20 15.76 -36.96
C THR D 152 -23.07 16.22 -38.11
N ILE D 153 -24.37 16.02 -37.96
CA ILE D 153 -25.36 16.36 -38.97
C ILE D 153 -26.24 17.46 -38.41
N TYR D 154 -26.52 18.47 -39.23
CA TYR D 154 -27.42 19.55 -38.84
C TYR D 154 -28.64 19.63 -39.76
N ILE D 155 -29.81 19.76 -39.15
CA ILE D 155 -31.06 19.97 -39.87
C ILE D 155 -31.85 21.11 -39.26
N ASP D 156 -32.23 22.07 -40.10
CA ASP D 156 -33.24 23.06 -39.75
C ASP D 156 -34.44 22.83 -40.68
N THR D 157 -35.59 22.49 -40.09
CA THR D 157 -36.81 22.19 -40.85
C THR D 157 -37.36 23.39 -41.62
N HIS D 158 -36.96 24.58 -41.19
CA HIS D 158 -37.39 25.84 -41.81
C HIS D 158 -36.74 26.05 -43.18
N ASP D 159 -35.92 25.10 -43.58
CA ASP D 159 -35.30 25.09 -44.91
C ASP D 159 -35.96 24.03 -45.81
N ILE D 160 -36.97 23.34 -45.28
CA ILE D 160 -37.55 22.16 -45.94
C ILE D 160 -38.90 22.43 -46.63
N ASN D 161 -39.06 21.83 -47.82
CA ASN D 161 -40.31 21.89 -48.56
C ASN D 161 -41.11 20.60 -48.43
N MET E 1 30.20 -25.64 45.76
CA MET E 1 29.60 -26.18 44.51
C MET E 1 28.84 -25.10 43.75
N ARG E 2 28.98 -25.11 42.44
CA ARG E 2 28.29 -24.16 41.57
C ARG E 2 27.31 -24.92 40.69
N VAL E 3 26.13 -24.37 40.48
CA VAL E 3 25.17 -24.98 39.57
C VAL E 3 24.50 -23.96 38.66
N VAL E 4 24.37 -24.31 37.39
CA VAL E 4 23.53 -23.59 36.45
C VAL E 4 22.33 -24.49 36.14
N ILE E 5 21.13 -24.01 36.50
CA ILE E 5 19.89 -24.76 36.29
C ILE E 5 19.10 -24.13 35.15
N GLN E 6 18.74 -24.93 34.17
CA GLN E 6 17.92 -24.45 33.07
C GLN E 6 16.61 -25.23 32.97
N ARG E 7 15.50 -24.51 32.85
CA ARG E 7 14.21 -25.13 32.62
C ARG E 7 14.08 -25.58 31.15
N VAL E 8 13.72 -26.85 30.95
CA VAL E 8 13.67 -27.45 29.60
C VAL E 8 12.34 -28.15 29.26
N LYS E 9 12.05 -28.24 27.96
CA LYS E 9 10.98 -29.07 27.43
C LYS E 9 11.55 -30.43 27.07
N GLY E 10 12.88 -30.50 27.03
CA GLY E 10 13.61 -31.73 26.74
C GLY E 10 15.08 -31.47 26.67
N ALA E 11 15.87 -32.54 26.83
CA ALA E 11 17.30 -32.50 26.62
C ALA E 11 17.76 -33.87 26.13
N ILE E 12 18.52 -33.88 25.03
CA ILE E 12 18.98 -35.13 24.45
C ILE E 12 20.50 -35.18 24.50
N LEU E 13 21.03 -36.16 25.23
CA LEU E 13 22.46 -36.22 25.51
C LEU E 13 23.11 -37.37 24.75
N SER E 14 24.13 -37.04 23.97
CA SER E 14 24.87 -38.04 23.21
C SER E 14 26.38 -37.95 23.42
N VAL E 15 27.05 -39.09 23.19
CA VAL E 15 28.52 -39.16 23.22
C VAL E 15 29.05 -39.71 21.89
N ARG E 16 30.36 -39.67 21.74
CA ARG E 16 31.03 -40.13 20.51
CA ARG E 16 31.00 -40.14 20.51
C ARG E 16 31.34 -41.62 20.57
N LYS E 17 31.00 -42.34 19.50
CA LYS E 17 31.33 -43.76 19.38
C LYS E 17 32.83 -43.92 19.17
N LYS E 25 27.21 -42.37 11.72
CA LYS E 25 27.22 -41.19 12.59
C LYS E 25 27.97 -41.49 13.89
N GLU E 26 28.87 -40.59 14.25
CA GLU E 26 29.74 -40.78 15.43
C GLU E 26 28.97 -40.63 16.74
N LEU E 27 27.96 -39.77 16.74
CA LEU E 27 27.19 -39.52 17.95
C LEU E 27 26.14 -40.60 18.18
N GLU E 28 26.07 -41.06 19.43
CA GLU E 28 24.99 -41.93 19.85
C GLU E 28 24.33 -41.40 21.11
N ILE E 29 23.01 -41.26 21.06
CA ILE E 29 22.23 -40.86 22.23
C ILE E 29 22.38 -41.92 23.33
N ILE E 30 22.65 -41.47 24.55
CA ILE E 30 22.75 -42.37 25.70
C ILE E 30 21.79 -41.97 26.81
N SER E 31 21.25 -40.76 26.72
CA SER E 31 20.48 -40.17 27.80
C SER E 31 19.56 -39.07 27.28
N GLU E 32 18.31 -39.06 27.74
CA GLU E 32 17.36 -38.01 27.37
C GLU E 32 16.26 -37.82 28.40
N ILE E 33 15.75 -36.59 28.46
CA ILE E 33 14.61 -36.25 29.31
C ILE E 33 13.61 -35.43 28.51
N LYS E 34 12.36 -35.44 28.95
CA LYS E 34 11.36 -34.52 28.43
C LYS E 34 11.39 -33.28 29.34
N ASN E 35 10.23 -32.78 29.73
CA ASN E 35 10.15 -31.61 30.60
C ASN E 35 10.91 -31.81 31.91
N GLY E 36 11.58 -30.76 32.37
CA GLY E 36 12.34 -30.82 33.62
C GLY E 36 13.50 -29.87 33.66
N LEU E 37 14.63 -30.32 34.22
CA LEU E 37 15.78 -29.46 34.42
C LEU E 37 17.07 -30.08 33.94
N ILE E 38 17.89 -29.27 33.28
CA ILE E 38 19.29 -29.62 33.09
C ILE E 38 20.11 -28.85 34.13
N CYS E 39 20.96 -29.58 34.84
CA CYS E 39 21.74 -29.00 35.91
C CYS E 39 23.22 -29.19 35.61
N PHE E 40 23.88 -28.09 35.31
CA PHE E 40 25.31 -28.08 35.03
C PHE E 40 26.04 -27.90 36.36
N LEU E 41 26.68 -28.96 36.81
CA LEU E 41 27.20 -29.05 38.17
C LEU E 41 28.71 -28.91 38.20
N GLY E 42 29.18 -27.84 38.81
CA GLY E 42 30.61 -27.63 39.05
C GLY E 42 30.97 -28.00 40.48
N ILE E 43 31.92 -28.92 40.62
CA ILE E 43 32.36 -29.41 41.92
C ILE E 43 33.70 -28.78 42.32
N HIS E 44 33.68 -28.06 43.45
CA HIS E 44 34.82 -27.28 43.94
C HIS E 44 35.87 -28.11 44.68
N LYS E 45 37.09 -27.59 44.70
CA LYS E 45 38.22 -28.20 45.40
CA LYS E 45 38.23 -28.20 45.40
C LYS E 45 37.89 -28.59 46.84
N ASN E 46 37.28 -27.66 47.58
CA ASN E 46 36.97 -27.87 48.99
C ASN E 46 35.50 -28.19 49.29
N ASP E 47 34.80 -28.71 48.28
CA ASP E 47 33.39 -29.07 48.43
C ASP E 47 33.19 -30.21 49.41
N THR E 48 32.33 -29.98 50.40
CA THR E 48 31.90 -31.02 51.32
C THR E 48 30.53 -31.54 50.92
N TRP E 49 30.03 -32.52 51.67
CA TRP E 49 28.75 -33.17 51.37
C TRP E 49 27.55 -32.26 51.64
N GLU E 50 27.76 -31.25 52.48
CA GLU E 50 26.71 -30.29 52.79
CA GLU E 50 26.74 -30.26 52.82
C GLU E 50 26.50 -29.30 51.64
N ASP E 51 27.56 -29.06 50.88
CA ASP E 51 27.46 -28.26 49.64
C ASP E 51 26.62 -29.02 48.63
N ALA E 52 26.88 -30.32 48.51
CA ALA E 52 26.14 -31.22 47.61
C ALA E 52 24.67 -31.33 47.99
N LEU E 53 24.40 -31.45 49.30
CA LEU E 53 23.05 -31.52 49.82
C LEU E 53 22.22 -30.26 49.54
N TYR E 54 22.86 -29.09 49.58
CA TYR E 54 22.17 -27.83 49.31
C TYR E 54 21.79 -27.74 47.83
N ILE E 55 22.71 -28.13 46.95
CA ILE E 55 22.45 -28.19 45.50
C ILE E 55 21.28 -29.13 45.17
N ILE E 56 21.33 -30.34 45.73
CA ILE E 56 20.28 -31.34 45.53
C ILE E 56 18.93 -30.83 45.99
N ARG E 57 18.90 -30.20 47.16
CA ARG E 57 17.70 -29.61 47.73
C ARG E 57 17.10 -28.56 46.81
N LYS E 58 17.92 -27.64 46.34
CA LYS E 58 17.44 -26.54 45.51
C LYS E 58 17.01 -27.00 44.12
N CYS E 59 17.79 -27.87 43.48
CA CYS E 59 17.41 -28.42 42.17
C CYS E 59 16.04 -29.09 42.22
N LEU E 60 15.79 -29.87 43.26
CA LEU E 60 14.55 -30.64 43.38
C LEU E 60 13.37 -29.82 43.90
N ASN E 61 13.66 -28.73 44.61
CA ASN E 61 12.60 -28.00 45.30
C ASN E 61 12.34 -26.59 44.80
N LEU E 62 13.24 -26.07 43.95
CA LEU E 62 13.02 -24.75 43.36
C LEU E 62 11.74 -24.75 42.53
N ARG E 63 10.89 -23.76 42.79
CA ARG E 63 9.60 -23.69 42.15
C ARG E 63 9.70 -22.80 40.91
N LEU E 64 10.01 -23.43 39.79
CA LEU E 64 10.38 -22.73 38.56
C LEU E 64 9.30 -22.77 37.48
N TRP E 65 8.22 -23.48 37.75
CA TRP E 65 7.10 -23.57 36.81
C TRP E 65 5.87 -22.82 37.32
N ASN E 66 5.17 -22.20 36.38
CA ASN E 66 3.90 -21.56 36.67
C ASN E 66 2.80 -22.60 36.80
N ASN E 67 1.91 -22.40 37.77
CA ASN E 67 0.68 -23.16 37.84
C ASN E 67 -0.48 -22.28 37.37
N ASP E 68 -0.55 -22.11 36.05
CA ASP E 68 -1.53 -21.27 35.38
C ASP E 68 -1.43 -19.80 35.84
N ASN E 69 -2.31 -19.39 36.75
CA ASN E 69 -2.31 -18.02 37.25
C ASN E 69 -1.21 -17.76 38.29
N LYS E 70 -0.81 -18.81 39.00
CA LYS E 70 0.26 -18.73 39.99
C LYS E 70 1.61 -18.82 39.29
N THR E 71 2.46 -17.82 39.52
CA THR E 71 3.82 -17.82 38.96
C THR E 71 4.83 -18.44 39.93
N TRP E 72 5.88 -19.04 39.37
CA TRP E 72 6.96 -19.67 40.14
C TRP E 72 6.39 -20.55 41.25
N ASP E 73 5.51 -21.48 40.86
CA ASP E 73 4.66 -22.19 41.79
C ASP E 73 5.07 -23.63 42.07
N LYS E 74 5.49 -24.35 41.03
CA LYS E 74 5.73 -25.79 41.13
C LYS E 74 7.20 -26.16 40.86
N ASN E 75 7.70 -27.14 41.63
CA ASN E 75 9.03 -27.72 41.40
C ASN E 75 8.98 -28.95 40.49
N VAL E 76 10.14 -29.56 40.23
CA VAL E 76 10.22 -30.75 39.37
C VAL E 76 9.42 -31.94 39.88
N LYS E 77 9.56 -32.23 41.18
CA LYS E 77 8.87 -33.36 41.80
C LYS E 77 7.36 -33.20 41.76
N ASP E 78 6.88 -31.96 41.93
CA ASP E 78 5.44 -31.66 41.90
C ASP E 78 4.80 -32.04 40.57
N LEU E 79 5.54 -31.84 39.48
CA LEU E 79 5.03 -32.09 38.14
C LEU E 79 5.53 -33.42 37.57
N ASN E 80 6.22 -34.18 38.42
CA ASN E 80 6.74 -35.49 38.06
C ASN E 80 7.76 -35.43 36.91
N TYR E 81 8.43 -34.29 36.79
CA TYR E 81 9.38 -34.03 35.70
C TYR E 81 10.76 -34.61 36.01
N GLU E 82 11.66 -34.55 35.02
CA GLU E 82 12.96 -35.21 35.11
C GLU E 82 14.12 -34.24 35.30
N LEU E 83 15.25 -34.75 35.78
CA LEU E 83 16.48 -33.96 35.92
C LEU E 83 17.64 -34.63 35.20
N LEU E 84 18.39 -33.84 34.44
CA LEU E 84 19.62 -34.29 33.80
C LEU E 84 20.81 -33.57 34.44
N ILE E 85 21.66 -34.35 35.12
CA ILE E 85 22.78 -33.79 35.85
C ILE E 85 24.10 -34.00 35.10
N VAL E 86 24.71 -32.90 34.69
CA VAL E 86 25.95 -32.92 33.92
C VAL E 86 27.07 -32.22 34.71
N SER E 87 28.20 -32.91 34.87
CA SER E 87 29.36 -32.29 35.52
C SER E 87 30.01 -31.25 34.60
N GLN E 88 30.25 -30.06 35.14
CA GLN E 88 30.85 -28.96 34.40
C GLN E 88 31.90 -28.22 35.24
N PHE E 89 33.14 -28.70 35.16
CA PHE E 89 34.26 -28.10 35.88
C PHE E 89 34.54 -26.68 35.40
N THR E 90 34.12 -26.40 34.16
CA THR E 90 34.36 -25.12 33.49
C THR E 90 33.66 -23.95 34.20
N LEU E 91 32.73 -24.28 35.09
CA LEU E 91 32.08 -23.30 35.96
C LEU E 91 33.06 -22.68 36.95
N PHE E 92 34.16 -23.38 37.23
CA PHE E 92 35.27 -22.81 38.00
C PHE E 92 36.40 -22.27 37.11
N GLY E 93 36.09 -22.03 35.84
CA GLY E 93 37.01 -21.39 34.92
C GLY E 93 37.27 -19.95 35.29
N ASN E 94 38.48 -19.68 35.78
CA ASN E 94 38.88 -18.32 36.15
C ASN E 94 39.18 -17.48 34.92
N THR E 95 38.39 -16.43 34.72
CA THR E 95 38.50 -15.58 33.53
C THR E 95 39.02 -14.17 33.85
N LYS E 96 39.59 -14.01 35.04
CA LYS E 96 40.06 -12.70 35.51
C LYS E 96 41.41 -12.27 34.93
N LYS E 97 42.35 -13.21 34.83
CA LYS E 97 43.72 -12.90 34.43
C LYS E 97 43.82 -12.54 32.94
N GLY E 98 43.32 -13.42 32.09
CA GLY E 98 43.36 -13.22 30.65
C GLY E 98 42.14 -13.80 29.96
N ASN E 99 42.33 -14.27 28.74
CA ASN E 99 41.24 -14.87 27.97
C ASN E 99 41.42 -16.38 27.79
N LYS E 100 42.42 -16.91 28.48
CA LYS E 100 42.62 -18.35 28.62
C LYS E 100 42.19 -18.72 30.04
N PRO E 101 41.07 -19.48 30.16
CA PRO E 101 40.56 -19.81 31.49
C PRO E 101 41.42 -20.88 32.18
N ASP E 102 41.71 -20.67 33.46
CA ASP E 102 42.36 -21.69 34.28
C ASP E 102 41.34 -22.32 35.23
N PHE E 103 41.55 -23.59 35.56
CA PHE E 103 40.56 -24.35 36.31
C PHE E 103 41.15 -24.93 37.60
N HIS E 104 41.91 -24.12 38.31
CA HIS E 104 42.59 -24.54 39.54
C HIS E 104 41.67 -24.64 40.76
N LEU E 105 40.41 -24.22 40.59
CA LEU E 105 39.44 -24.19 41.68
C LEU E 105 38.49 -25.39 41.66
N ALA E 106 38.44 -26.08 40.52
CA ALA E 106 37.62 -27.28 40.39
C ALA E 106 38.29 -28.48 41.06
N LYS E 107 37.48 -29.41 41.55
CA LYS E 107 37.98 -30.64 42.18
C LYS E 107 38.66 -31.53 41.14
N GLU E 108 39.69 -32.25 41.58
CA GLU E 108 40.46 -33.14 40.71
C GLU E 108 39.59 -34.28 40.15
N PRO E 109 39.68 -34.54 38.84
CA PRO E 109 38.92 -35.54 38.08
C PRO E 109 38.47 -36.80 38.85
N ASN E 110 39.44 -37.53 39.42
CA ASN E 110 39.16 -38.82 40.05
C ASN E 110 38.34 -38.76 41.35
N GLU E 111 38.56 -37.73 42.15
CA GLU E 111 37.82 -37.54 43.38
C GLU E 111 36.48 -36.85 43.08
N ALA E 112 36.47 -36.07 42.00
CA ALA E 112 35.26 -35.44 41.51
C ALA E 112 34.23 -36.46 41.01
N LEU E 113 34.72 -37.53 40.37
CA LEU E 113 33.84 -38.59 39.88
C LEU E 113 33.10 -39.27 41.03
N ILE E 114 33.84 -39.64 42.07
CA ILE E 114 33.32 -40.23 43.30
C ILE E 114 32.25 -39.33 43.91
N PHE E 115 32.59 -38.05 44.06
CA PHE E 115 31.71 -37.05 44.64
C PHE E 115 30.46 -36.84 43.77
N TYR E 116 30.64 -36.89 42.46
CA TYR E 116 29.55 -36.76 41.49
C TYR E 116 28.55 -37.92 41.61
N ASN E 117 29.08 -39.13 41.71
CA ASN E 117 28.27 -40.35 41.83
C ASN E 117 27.46 -40.40 43.12
N LYS E 118 28.07 -39.91 44.20
CA LYS E 118 27.39 -39.72 45.50
C LYS E 118 26.19 -38.78 45.35
N ILE E 119 26.39 -37.70 44.61
CA ILE E 119 25.33 -36.73 44.32
C ILE E 119 24.18 -37.38 43.52
N ILE E 120 24.51 -38.19 42.53
CA ILE E 120 23.51 -38.87 41.71
C ILE E 120 22.68 -39.87 42.53
N ASP E 121 23.36 -40.63 43.40
CA ASP E 121 22.68 -41.53 44.34
C ASP E 121 21.70 -40.81 45.26
N GLU E 122 22.11 -39.66 45.78
CA GLU E 122 21.30 -38.86 46.69
C GLU E 122 20.12 -38.19 45.96
N PHE E 123 20.34 -37.78 44.72
CA PHE E 123 19.28 -37.25 43.86
C PHE E 123 18.15 -38.27 43.69
N LYS E 124 18.53 -39.53 43.46
CA LYS E 124 17.58 -40.61 43.25
C LYS E 124 16.89 -40.99 44.57
N LYS E 125 17.66 -40.96 45.66
CA LYS E 125 17.15 -41.22 47.01
C LYS E 125 16.08 -40.19 47.39
N GLN E 126 16.39 -38.91 47.18
CA GLN E 126 15.48 -37.82 47.54
C GLN E 126 14.27 -37.71 46.62
N TYR E 127 14.41 -38.22 45.40
CA TYR E 127 13.34 -38.14 44.40
C TYR E 127 12.98 -39.53 43.87
N ASN E 128 13.48 -39.87 42.68
CA ASN E 128 13.10 -41.11 42.00
C ASN E 128 14.21 -41.56 41.08
N ASP E 129 14.52 -42.85 41.08
CA ASP E 129 15.65 -43.39 40.33
C ASP E 129 15.51 -43.27 38.80
N ASP E 130 14.27 -43.29 38.31
CA ASP E 130 14.00 -43.17 36.88
C ASP E 130 13.89 -41.72 36.42
N LYS E 131 13.77 -40.80 37.38
CA LYS E 131 13.61 -39.38 37.08
C LYS E 131 14.94 -38.63 36.98
N ILE E 132 16.03 -39.30 37.36
CA ILE E 132 17.35 -38.69 37.31
C ILE E 132 18.17 -39.32 36.19
N LYS E 133 18.66 -38.48 35.29
CA LYS E 133 19.49 -38.95 34.17
C LYS E 133 20.87 -38.31 34.21
N ILE E 134 21.85 -39.01 33.64
CA ILE E 134 23.24 -38.56 33.63
C ILE E 134 23.85 -38.61 32.23
N GLY E 135 25.06 -38.08 32.09
CA GLY E 135 25.84 -38.26 30.87
C GLY E 135 26.99 -39.22 31.11
N LYS E 136 28.13 -38.91 30.51
CA LYS E 136 29.37 -39.65 30.71
CA LYS E 136 29.35 -39.65 30.74
C LYS E 136 30.41 -38.73 31.33
N PHE E 137 30.62 -38.88 32.64
CA PHE E 137 31.59 -38.06 33.35
C PHE E 137 32.96 -38.09 32.66
N GLY E 138 33.59 -36.93 32.56
CA GLY E 138 34.92 -36.80 31.96
C GLY E 138 34.94 -36.79 30.44
N ASN E 139 33.83 -37.18 29.82
CA ASN E 139 33.76 -37.35 28.37
C ASN E 139 33.08 -36.21 27.64
N TYR E 140 33.44 -36.03 26.36
CA TYR E 140 32.74 -35.10 25.49
C TYR E 140 31.27 -35.51 25.34
N MET E 141 30.39 -34.52 25.43
CA MET E 141 28.97 -34.75 25.21
C MET E 141 28.39 -33.72 24.25
N ASN E 142 27.49 -34.18 23.40
CA ASN E 142 26.65 -33.30 22.62
C ASN E 142 25.27 -33.26 23.30
N ILE E 143 24.85 -32.08 23.74
CA ILE E 143 23.55 -31.98 24.43
C ILE E 143 22.55 -31.02 23.77
N ASP E 144 21.53 -31.61 23.13
CA ASP E 144 20.44 -30.85 22.54
C ASP E 144 19.45 -30.45 23.63
N VAL E 145 19.44 -29.17 23.96
CA VAL E 145 18.60 -28.67 25.05
C VAL E 145 17.49 -27.77 24.50
N THR E 146 16.25 -28.12 24.79
CA THR E 146 15.11 -27.26 24.46
C THR E 146 14.82 -26.34 25.64
N ASN E 147 15.42 -25.16 25.64
CA ASN E 147 15.23 -24.19 26.73
C ASN E 147 13.81 -23.64 26.77
N ASP E 148 13.22 -23.68 27.96
CA ASP E 148 11.81 -23.31 28.18
C ASP E 148 11.72 -21.95 28.89
N GLY E 149 11.56 -20.89 28.10
CA GLY E 149 11.46 -19.54 28.66
C GLY E 149 12.35 -18.51 27.99
N PRO E 150 13.69 -18.67 28.12
CA PRO E 150 14.36 -19.64 28.98
C PRO E 150 14.33 -19.21 30.46
N VAL E 151 14.61 -20.15 31.34
CA VAL E 151 14.77 -19.85 32.76
C VAL E 151 16.11 -20.42 33.19
N THR E 152 17.01 -19.55 33.62
CA THR E 152 18.35 -19.97 34.06
C THR E 152 18.62 -19.48 35.47
N ILE E 153 18.89 -20.44 36.36
CA ILE E 153 19.16 -20.14 37.75
C ILE E 153 20.62 -20.47 38.06
N TYR E 154 21.26 -19.60 38.82
CA TYR E 154 22.62 -19.84 39.26
C TYR E 154 22.72 -19.85 40.79
N ILE E 155 23.43 -20.86 41.30
CA ILE E 155 23.68 -21.01 42.72
C ILE E 155 25.15 -21.33 42.96
N ASP E 156 25.75 -20.63 43.92
CA ASP E 156 27.10 -20.91 44.37
C ASP E 156 27.02 -21.04 45.90
N THR E 157 27.12 -22.27 46.39
CA THR E 157 26.96 -22.60 47.81
C THR E 157 27.92 -21.82 48.73
N HIS E 158 29.04 -21.39 48.18
CA HIS E 158 30.02 -20.60 48.93
C HIS E 158 29.53 -19.16 49.19
N ASP E 159 28.41 -18.80 48.55
CA ASP E 159 27.70 -17.55 48.86
C ASP E 159 26.64 -17.76 49.95
N ILE E 160 26.50 -19.00 50.40
CA ILE E 160 25.49 -19.38 51.40
C ILE E 160 26.15 -19.80 52.72
N MET F 1 26.57 -7.12 36.58
CA MET F 1 26.14 -7.93 35.40
C MET F 1 26.54 -9.38 35.56
N ARG F 2 25.63 -10.27 35.17
CA ARG F 2 25.88 -11.70 35.16
C ARG F 2 25.71 -12.26 33.76
N VAL F 3 26.64 -13.12 33.34
CA VAL F 3 26.45 -13.88 32.11
C VAL F 3 26.72 -15.38 32.29
N VAL F 4 25.84 -16.18 31.71
CA VAL F 4 26.12 -17.60 31.46
C VAL F 4 26.41 -17.76 29.96
N ILE F 5 27.62 -18.22 29.66
CA ILE F 5 28.06 -18.42 28.29
C ILE F 5 28.14 -19.92 28.04
N GLN F 6 27.51 -20.36 26.95
CA GLN F 6 27.56 -21.77 26.58
C GLN F 6 28.05 -21.94 25.16
N ARG F 7 28.99 -22.86 24.96
CA ARG F 7 29.56 -23.12 23.65
C ARG F 7 28.66 -24.07 22.89
N VAL F 8 28.35 -23.71 21.65
CA VAL F 8 27.33 -24.41 20.88
C VAL F 8 27.77 -24.75 19.45
N LYS F 9 27.18 -25.80 18.89
CA LYS F 9 27.28 -26.08 17.47
C LYS F 9 26.11 -25.42 16.76
N GLY F 10 25.08 -25.09 17.52
CA GLY F 10 23.87 -24.50 16.96
C GLY F 10 22.85 -24.08 18.01
N ALA F 11 22.01 -23.12 17.63
CA ALA F 11 20.94 -22.62 18.49
C ALA F 11 19.83 -22.07 17.61
N ILE F 12 18.59 -22.47 17.93
CA ILE F 12 17.42 -22.05 17.17
C ILE F 12 16.43 -21.42 18.14
N LEU F 13 16.15 -20.13 17.94
CA LEU F 13 15.31 -19.37 18.84
C LEU F 13 13.94 -19.10 18.25
N SER F 14 12.90 -19.52 18.96
CA SER F 14 11.51 -19.35 18.55
CA SER F 14 11.53 -19.31 18.53
C SER F 14 10.70 -18.59 19.59
N VAL F 15 9.62 -17.96 19.14
CA VAL F 15 8.65 -17.29 20.01
C VAL F 15 7.24 -17.76 19.65
N ARG F 16 6.27 -17.49 20.51
CA ARG F 16 4.90 -17.98 20.33
C ARG F 16 4.12 -17.22 19.25
N LYS F 17 3.01 -17.84 18.81
CA LYS F 17 2.06 -17.26 17.86
C LYS F 17 2.66 -16.95 16.49
N GLU F 26 2.72 -23.72 17.08
CA GLU F 26 2.38 -22.42 17.66
C GLU F 26 3.66 -21.63 17.98
N LEU F 27 4.76 -22.03 17.36
CA LEU F 27 6.04 -21.34 17.53
C LEU F 27 6.58 -20.79 16.20
N GLU F 28 7.23 -19.64 16.28
CA GLU F 28 7.80 -18.95 15.11
C GLU F 28 9.31 -18.78 15.28
N ILE F 29 10.07 -19.44 14.42
CA ILE F 29 11.54 -19.34 14.44
C ILE F 29 11.97 -17.97 13.92
N ILE F 30 12.72 -17.24 14.75
CA ILE F 30 13.15 -15.89 14.40
C ILE F 30 14.67 -15.72 14.30
N SER F 31 15.40 -16.47 15.12
CA SER F 31 16.86 -16.42 15.16
C SER F 31 17.50 -17.81 15.10
N GLU F 32 18.65 -17.87 14.45
CA GLU F 32 19.39 -19.12 14.31
C GLU F 32 20.88 -18.84 14.18
N ILE F 33 21.68 -19.59 14.95
CA ILE F 33 23.13 -19.55 14.79
C ILE F 33 23.70 -20.96 14.61
N LYS F 34 24.83 -21.04 13.93
CA LYS F 34 25.57 -22.28 13.84
C LYS F 34 26.55 -22.32 15.01
N ASN F 35 27.82 -22.64 14.73
CA ASN F 35 28.83 -22.66 15.78
C ASN F 35 28.97 -21.29 16.43
N GLY F 36 29.17 -21.29 17.74
CA GLY F 36 29.43 -20.07 18.47
C GLY F 36 29.05 -20.17 19.93
N LEU F 37 28.46 -19.09 20.43
CA LEU F 37 28.11 -18.97 21.84
C LEU F 37 26.68 -18.50 22.02
N ILE F 38 25.95 -19.15 22.91
CA ILE F 38 24.75 -18.55 23.48
C ILE F 38 25.13 -17.87 24.79
N CYS F 39 24.72 -16.61 24.92
CA CYS F 39 25.05 -15.81 26.08
C CYS F 39 23.77 -15.36 26.79
N PHE F 40 23.51 -15.96 27.95
CA PHE F 40 22.37 -15.58 28.78
C PHE F 40 22.85 -14.43 29.67
N LEU F 41 22.33 -13.24 29.42
CA LEU F 41 22.83 -12.02 30.06
C LEU F 41 21.84 -11.40 31.07
N GLY F 42 22.27 -11.33 32.33
CA GLY F 42 21.47 -10.70 33.37
C GLY F 42 22.00 -9.32 33.74
N ILE F 43 21.12 -8.32 33.71
CA ILE F 43 21.50 -6.94 34.03
C ILE F 43 21.10 -6.55 35.46
N HIS F 44 22.11 -6.15 36.23
CA HIS F 44 21.94 -5.76 37.63
C HIS F 44 21.45 -4.32 37.76
N LYS F 45 20.74 -4.04 38.85
CA LYS F 45 20.22 -2.69 39.17
C LYS F 45 21.27 -1.61 38.99
N ASN F 46 22.48 -1.89 39.46
CA ASN F 46 23.53 -0.89 39.60
C ASN F 46 24.64 -1.01 38.57
N ASP F 47 24.30 -1.62 37.43
CA ASP F 47 25.25 -1.81 36.35
C ASP F 47 25.58 -0.50 35.64
N THR F 48 26.88 -0.26 35.50
CA THR F 48 27.37 0.86 34.69
C THR F 48 27.77 0.30 33.33
N TRP F 49 28.20 1.18 32.44
CA TRP F 49 28.63 0.76 31.10
C TRP F 49 29.90 -0.07 31.15
N GLU F 50 30.74 0.16 32.16
CA GLU F 50 31.93 -0.64 32.41
C GLU F 50 31.60 -2.11 32.71
N ASP F 51 30.43 -2.35 33.27
CA ASP F 51 29.93 -3.70 33.53
C ASP F 51 29.54 -4.38 32.22
N ALA F 52 28.83 -3.65 31.38
CA ALA F 52 28.44 -4.11 30.04
C ALA F 52 29.66 -4.39 29.18
N LEU F 53 30.60 -3.45 29.18
CA LEU F 53 31.83 -3.56 28.38
C LEU F 53 32.66 -4.79 28.73
N TYR F 54 32.72 -5.12 30.02
CA TYR F 54 33.48 -6.29 30.48
C TYR F 54 32.85 -7.61 29.99
N ILE F 55 31.52 -7.70 30.10
CA ILE F 55 30.75 -8.84 29.58
C ILE F 55 31.01 -9.04 28.08
N ILE F 56 30.81 -7.96 27.32
CA ILE F 56 31.04 -7.96 25.87
C ILE F 56 32.47 -8.41 25.52
N ARG F 57 33.46 -7.86 26.21
CA ARG F 57 34.87 -8.19 26.00
C ARG F 57 35.14 -9.68 26.23
N LYS F 58 34.60 -10.21 27.32
CA LYS F 58 34.80 -11.62 27.65
C LYS F 58 34.08 -12.54 26.67
N CYS F 59 32.86 -12.16 26.27
CA CYS F 59 32.09 -12.94 25.30
C CYS F 59 32.78 -13.04 23.94
N LEU F 60 33.35 -11.93 23.49
CA LEU F 60 34.03 -11.87 22.19
C LEU F 60 35.47 -12.41 22.20
N ASN F 61 36.11 -12.43 23.36
CA ASN F 61 37.54 -12.77 23.43
C ASN F 61 37.93 -14.03 24.18
N LEU F 62 37.03 -14.55 25.00
CA LEU F 62 37.31 -15.81 25.70
C LEU F 62 37.64 -16.89 24.67
N ARG F 63 38.76 -17.56 24.91
CA ARG F 63 39.26 -18.57 23.99
C ARG F 63 38.69 -19.93 24.38
N LEU F 64 37.49 -20.19 23.87
CA LEU F 64 36.71 -21.36 24.31
C LEU F 64 36.77 -22.52 23.32
N TRP F 65 37.57 -22.36 22.27
CA TRP F 65 37.81 -23.43 21.30
C TRP F 65 39.28 -23.83 21.24
N ASN F 66 39.50 -25.14 21.10
CA ASN F 66 40.82 -25.69 20.84
C ASN F 66 41.15 -25.59 19.36
N ASN F 67 42.41 -25.33 19.04
CA ASN F 67 42.89 -25.35 17.66
C ASN F 67 44.14 -26.22 17.51
N ASP F 68 44.04 -27.24 16.66
CA ASP F 68 45.10 -28.23 16.50
C ASP F 68 46.27 -28.06 17.46
N ASN F 69 46.28 -28.89 18.50
CA ASN F 69 47.43 -28.95 19.41
C ASN F 69 47.40 -27.95 20.55
N LYS F 70 46.62 -26.87 20.39
CA LYS F 70 46.46 -25.86 21.43
C LYS F 70 45.03 -25.90 21.94
N THR F 71 44.88 -25.92 23.27
CA THR F 71 43.56 -25.92 23.89
C THR F 71 43.22 -24.54 24.41
N TRP F 72 41.93 -24.23 24.49
CA TRP F 72 41.45 -22.93 24.97
C TRP F 72 42.22 -21.80 24.27
N ASP F 73 42.19 -21.85 22.94
CA ASP F 73 43.10 -21.07 22.10
C ASP F 73 42.42 -20.00 21.24
N LYS F 74 41.25 -20.33 20.70
CA LYS F 74 40.55 -19.44 19.76
C LYS F 74 39.24 -18.89 20.32
N ASN F 75 38.98 -17.60 20.08
CA ASN F 75 37.69 -17.00 20.43
C ASN F 75 36.65 -17.07 19.29
N VAL F 76 35.46 -16.52 19.53
CA VAL F 76 34.37 -16.54 18.58
CA VAL F 76 34.36 -16.51 18.56
C VAL F 76 34.72 -15.79 17.27
N LYS F 77 35.46 -14.70 17.39
CA LYS F 77 35.83 -13.88 16.25
C LYS F 77 36.87 -14.58 15.39
N ASP F 78 37.88 -15.18 16.03
CA ASP F 78 38.95 -15.92 15.36
C ASP F 78 38.44 -17.00 14.41
N LEU F 79 37.31 -17.60 14.75
CA LEU F 79 36.72 -18.67 13.94
C LEU F 79 35.55 -18.19 13.09
N ASN F 80 35.30 -16.87 13.11
CA ASN F 80 34.19 -16.25 12.38
C ASN F 80 32.84 -16.88 12.78
N TYR F 81 32.72 -17.19 14.07
CA TYR F 81 31.53 -17.80 14.64
C TYR F 81 30.51 -16.76 15.09
N GLU F 82 29.35 -17.23 15.56
CA GLU F 82 28.22 -16.37 15.91
C GLU F 82 27.91 -16.33 17.40
N LEU F 83 27.14 -15.33 17.82
CA LEU F 83 26.72 -15.19 19.20
C LEU F 83 25.22 -14.94 19.27
N LEU F 84 24.55 -15.68 20.16
CA LEU F 84 23.16 -15.41 20.47
C LEU F 84 23.09 -14.80 21.86
N ILE F 85 22.67 -13.54 21.92
CA ILE F 85 22.61 -12.81 23.18
C ILE F 85 21.15 -12.76 23.66
N VAL F 86 20.93 -13.30 24.85
CA VAL F 86 19.59 -13.46 25.41
C VAL F 86 19.53 -12.88 26.81
N SER F 87 18.70 -11.83 26.96
CA SER F 87 18.43 -11.22 28.26
C SER F 87 17.82 -12.24 29.22
N GLN F 88 18.43 -12.38 30.39
CA GLN F 88 18.03 -13.41 31.35
C GLN F 88 18.03 -12.87 32.79
N PHE F 89 16.97 -12.14 33.15
CA PHE F 89 16.82 -11.54 34.49
C PHE F 89 16.78 -12.57 35.63
N THR F 90 16.42 -13.81 35.30
CA THR F 90 16.34 -14.90 36.26
C THR F 90 17.70 -15.28 36.84
N LEU F 91 18.78 -14.82 36.21
CA LEU F 91 20.13 -14.98 36.74
C LEU F 91 20.34 -14.26 38.08
N PHE F 92 19.49 -13.26 38.35
CA PHE F 92 19.45 -12.60 39.66
C PHE F 92 18.35 -13.18 40.55
N GLY F 93 17.84 -14.35 40.17
CA GLY F 93 16.96 -15.13 41.03
C GLY F 93 17.67 -15.52 42.32
N ASN F 94 17.30 -14.85 43.40
CA ASN F 94 17.84 -15.15 44.72
C ASN F 94 17.00 -16.23 45.39
N THR F 95 17.67 -17.31 45.78
CA THR F 95 16.99 -18.52 46.27
C THR F 95 17.50 -18.94 47.66
N LYS F 96 18.19 -18.02 48.33
CA LYS F 96 18.75 -18.26 49.65
C LYS F 96 17.68 -18.43 50.73
N LYS F 97 16.62 -17.64 50.61
CA LYS F 97 15.53 -17.63 51.60
CA LYS F 97 15.54 -17.63 51.60
C LYS F 97 14.59 -18.82 51.44
N GLY F 98 14.07 -19.01 50.23
CA GLY F 98 13.12 -20.09 49.96
C GLY F 98 13.21 -20.68 48.57
N ASN F 99 12.17 -21.42 48.20
CA ASN F 99 12.11 -22.12 46.92
C ASN F 99 11.51 -21.27 45.80
N LYS F 100 10.67 -20.30 46.16
CA LYS F 100 10.18 -19.31 45.23
C LYS F 100 11.25 -18.23 45.05
N PRO F 101 11.80 -18.11 43.82
CA PRO F 101 12.94 -17.22 43.58
C PRO F 101 12.60 -15.73 43.65
N ASP F 102 13.58 -14.94 44.09
CA ASP F 102 13.43 -13.50 44.28
C ASP F 102 14.28 -12.74 43.27
N PHE F 103 13.65 -11.86 42.50
CA PHE F 103 14.33 -11.17 41.39
C PHE F 103 14.46 -9.66 41.59
N HIS F 104 14.82 -9.24 42.80
CA HIS F 104 14.89 -7.81 43.13
C HIS F 104 16.17 -7.11 42.65
N LEU F 105 17.26 -7.85 42.53
CA LEU F 105 18.54 -7.29 42.09
C LEU F 105 18.58 -6.99 40.57
N ALA F 106 17.60 -7.50 39.84
CA ALA F 106 17.53 -7.29 38.40
C ALA F 106 17.02 -5.88 38.05
N LYS F 107 17.71 -5.23 37.11
CA LYS F 107 17.31 -3.93 36.59
C LYS F 107 15.91 -4.02 35.97
N GLU F 108 15.04 -3.09 36.37
CA GLU F 108 13.64 -3.08 35.92
C GLU F 108 13.54 -3.02 34.38
N PRO F 109 12.50 -3.67 33.81
CA PRO F 109 12.38 -3.89 32.35
C PRO F 109 12.67 -2.68 31.45
N ASN F 110 12.16 -1.51 31.81
CA ASN F 110 12.27 -0.31 30.96
C ASN F 110 13.70 0.15 30.74
N GLU F 111 14.46 0.29 31.83
CA GLU F 111 15.87 0.65 31.77
C GLU F 111 16.72 -0.51 31.27
N ALA F 112 16.26 -1.73 31.54
CA ALA F 112 16.95 -2.94 31.11
C ALA F 112 16.95 -3.10 29.58
N LEU F 113 15.81 -2.77 28.96
CA LEU F 113 15.67 -2.84 27.49
C LEU F 113 16.64 -1.91 26.78
N ILE F 114 16.73 -0.67 27.24
CA ILE F 114 17.65 0.32 26.64
C ILE F 114 19.11 -0.09 26.86
N PHE F 115 19.41 -0.59 28.05
CA PHE F 115 20.75 -1.05 28.39
C PHE F 115 21.10 -2.26 27.52
N TYR F 116 20.15 -3.18 27.37
CA TYR F 116 20.29 -4.36 26.49
C TYR F 116 20.57 -3.97 25.04
N ASN F 117 19.74 -3.09 24.48
CA ASN F 117 19.89 -2.63 23.09
C ASN F 117 21.25 -1.98 22.85
N LYS F 118 21.72 -1.23 23.84
CA LYS F 118 23.03 -0.57 23.80
C LYS F 118 24.16 -1.60 23.82
N ILE F 119 23.96 -2.67 24.61
CA ILE F 119 24.88 -3.80 24.66
C ILE F 119 24.96 -4.49 23.29
N ILE F 120 23.80 -4.70 22.66
CA ILE F 120 23.72 -5.33 21.33
C ILE F 120 24.48 -4.52 20.27
N ASP F 121 24.33 -3.19 20.32
CA ASP F 121 25.01 -2.33 19.36
C ASP F 121 26.54 -2.32 19.55
N GLU F 122 26.98 -2.41 20.80
CA GLU F 122 28.40 -2.51 21.12
C GLU F 122 29.03 -3.83 20.65
N PHE F 123 28.27 -4.93 20.82
CA PHE F 123 28.66 -6.25 20.29
C PHE F 123 28.93 -6.20 18.79
N LYS F 124 27.98 -5.62 18.05
CA LYS F 124 28.03 -5.51 16.59
C LYS F 124 29.15 -4.57 16.16
N LYS F 125 29.34 -3.51 16.93
CA LYS F 125 30.41 -2.54 16.71
C LYS F 125 31.79 -3.17 16.89
N GLN F 126 31.95 -3.97 17.95
CA GLN F 126 33.24 -4.60 18.27
C GLN F 126 33.53 -5.81 17.40
N TYR F 127 32.47 -6.40 16.85
CA TYR F 127 32.60 -7.58 15.99
C TYR F 127 31.96 -7.31 14.63
N ASN F 128 30.87 -7.99 14.35
CA ASN F 128 30.20 -7.88 13.06
C ASN F 128 28.70 -7.86 13.23
N ASP F 129 28.03 -7.10 12.37
CA ASP F 129 26.58 -6.94 12.40
C ASP F 129 25.85 -8.26 12.13
N ASP F 130 26.38 -9.05 11.19
CA ASP F 130 25.77 -10.32 10.78
C ASP F 130 25.99 -11.46 11.79
N LYS F 131 27.00 -11.30 12.65
CA LYS F 131 27.45 -12.37 13.56
C LYS F 131 26.79 -12.33 14.94
N ILE F 132 26.01 -11.28 15.20
CA ILE F 132 25.35 -11.10 16.49
C ILE F 132 23.85 -11.28 16.35
N LYS F 133 23.33 -12.35 16.93
CA LYS F 133 21.90 -12.64 16.91
C LYS F 133 21.26 -12.38 18.27
N ILE F 134 19.98 -12.04 18.25
CA ILE F 134 19.24 -11.71 19.47
C ILE F 134 17.90 -12.44 19.55
N GLY F 135 17.32 -12.47 20.75
CA GLY F 135 16.00 -13.04 20.94
C GLY F 135 14.93 -11.97 20.86
N LYS F 136 13.91 -12.10 21.70
CA LYS F 136 12.92 -11.06 21.85
C LYS F 136 12.87 -10.71 23.32
N PHE F 137 13.34 -9.50 23.64
CA PHE F 137 13.42 -9.00 25.02
C PHE F 137 12.06 -9.00 25.71
N GLY F 138 12.01 -9.66 26.87
CA GLY F 138 10.81 -9.68 27.70
C GLY F 138 9.66 -10.48 27.12
N ASN F 139 9.98 -11.37 26.19
CA ASN F 139 9.00 -12.29 25.61
C ASN F 139 9.42 -13.73 25.82
N TYR F 140 8.43 -14.62 25.93
CA TYR F 140 8.70 -16.05 26.05
C TYR F 140 9.44 -16.55 24.82
N MET F 141 10.48 -17.34 25.07
CA MET F 141 11.27 -17.92 24.01
C MET F 141 11.46 -19.41 24.21
N ASN F 142 11.48 -20.13 23.10
CA ASN F 142 11.86 -21.54 23.07
C ASN F 142 13.21 -21.59 22.35
N ILE F 143 14.21 -22.17 23.00
CA ILE F 143 15.56 -22.16 22.44
C ILE F 143 16.21 -23.55 22.37
N ASP F 144 16.25 -24.12 21.17
CA ASP F 144 16.93 -25.38 20.91
C ASP F 144 18.43 -25.15 20.80
N VAL F 145 19.15 -25.51 21.85
CA VAL F 145 20.58 -25.29 21.94
C VAL F 145 21.33 -26.61 21.83
N THR F 146 22.29 -26.69 20.91
CA THR F 146 23.15 -27.85 20.80
C THR F 146 24.44 -27.57 21.56
N ASN F 147 24.48 -28.03 22.80
CA ASN F 147 25.64 -27.80 23.65
C ASN F 147 26.83 -28.64 23.22
N ASP F 148 27.94 -27.95 22.94
CA ASP F 148 29.15 -28.53 22.41
C ASP F 148 30.17 -28.74 23.55
N GLY F 149 30.19 -29.94 24.14
CA GLY F 149 31.12 -30.27 25.23
C GLY F 149 30.51 -31.05 26.39
N PRO F 150 29.62 -30.42 27.16
CA PRO F 150 29.27 -29.01 27.04
C PRO F 150 30.37 -28.14 27.65
N VAL F 151 30.32 -26.85 27.37
CA VAL F 151 31.24 -25.87 27.96
C VAL F 151 30.41 -24.69 28.44
N THR F 152 30.41 -24.48 29.76
CA THR F 152 29.61 -23.45 30.41
C THR F 152 30.49 -22.57 31.29
N ILE F 153 30.48 -21.28 30.99
CA ILE F 153 31.26 -20.30 31.73
C ILE F 153 30.30 -19.30 32.38
N TYR F 154 30.59 -18.96 33.62
CA TYR F 154 29.81 -17.99 34.37
C TYR F 154 30.67 -16.80 34.78
N ILE F 155 30.13 -15.59 34.59
CA ILE F 155 30.82 -14.36 34.99
C ILE F 155 29.86 -13.41 35.72
N ASP F 156 30.34 -12.88 36.84
CA ASP F 156 29.66 -11.81 37.56
C ASP F 156 30.65 -10.66 37.68
N THR F 157 30.33 -9.53 37.04
CA THR F 157 31.21 -8.35 37.01
C THR F 157 31.42 -7.72 38.39
N HIS F 158 30.47 -7.95 39.29
CA HIS F 158 30.55 -7.44 40.66
C HIS F 158 31.63 -8.12 41.50
N ASP F 159 32.21 -9.20 40.96
CA ASP F 159 33.36 -9.87 41.56
C ASP F 159 34.68 -9.28 41.04
N ILE F 160 34.57 -8.46 40.01
CA ILE F 160 35.74 -7.93 39.31
C ILE F 160 35.95 -6.45 39.64
N ASN F 161 37.22 -6.06 39.77
CA ASN F 161 37.59 -4.65 39.77
C ASN F 161 37.47 -4.10 38.35
N LEU F 162 36.69 -3.03 38.19
CA LEU F 162 36.48 -2.31 36.92
C LEU F 162 35.19 -2.69 36.17
#